data_4REW
#
_entry.id   4REW
#
_cell.length_a   126.900
_cell.length_b   126.900
_cell.length_c   188.794
_cell.angle_alpha   90.00
_cell.angle_beta   90.00
_cell.angle_gamma   120.00
#
_symmetry.space_group_name_H-M   'P 32 2 1'
#
loop_
_entity.id
_entity.type
_entity.pdbx_description
1 polymer "5'-AMP-activated protein kinase catalytic subunit alpha-1"
2 polymer "5'-AMP-activated protein kinase subunit beta-2"
3 polymer "5'-AMP-activated protein kinase subunit gamma-1"
4 non-polymer STAUROSPORINE
5 non-polymer 'ADENOSINE MONOPHOSPHATE'
#
loop_
_entity_poly.entity_id
_entity_poly.type
_entity_poly.pdbx_seq_one_letter_code
_entity_poly.pdbx_strand_id
1 'polypeptide(L)'
;GSVKIGHYILGDTLGVGTFGKVKVGKHELTGHKVAVKILNRQKIRSLDVVGKIRREIQNLKLFRHPHIIKLYQVISTPSD
IFMVMEYVSGGELFDYICKNGRLDEKESRRLFQQILSGVDYCHRHMVVHRDLKPENVLLDAHMNAKIADFGLSNMMSDGE
FLRTSCGSPNYAAPEVISGRLYAGPEVDIWSSGVILYALLCGTLPFDDDHVPTLFKKICDGIFYTPQYLNPSVISLLKHM
LQVDPMKRASIKDIREHEWFKQDLPKYLFPEDPSYSSTMIDDEALKEVCEKFECSEEEVLSCLYNRNHQDPLAVAYHLII
DNRRIMNEAKDFYLATSPPDSFLDDHHLTRPHPERVPFLVAETPRARHTLDELNPQKSKHQGVRKAKWHLGIRSQSRPND
IMAEVCRAIKQLDYEWKVVNPYYLRVRRKNPVTSTYSKMSLQLYQVDSRTYLLDFRSIDDGITAAASGTATPQRSGSVSN
YRSCQRSDSDAEAQGKSSEVSLTSSVTSLDSSPVDLTPRPGSHTIEFFEMCANLIKILAQ
;
A
2 'polypeptide(L)'
;ARPTVIRWSEGGKEVFISGSFNNWSTKIPLIKSHNDFVAILDLPEGEHQYKFFVDGQWVHDPSEPVVTSQLGTINNLIHV
KKSDFEVFDALKLDSMESSETSCRDLSSSPPGPYGQEMYAFRSEERFKSPPILPPHLLQVILNKDTNISCDPALLPEPNH
VMLNHLYALSIKDSVMVLSATHRYKKKYVTTLLYKPI
;
B
3 'polypeptide(L)'
;SNNSVYTSFMKSHRCYDLIPTSSKLVVFDTSLQVKKAFFALVTNGVRAAPLWDSKKQSFVGMLTITDFINILHRYYKSAL
VQIYELEEHKIETWREVYLQDSFKPLVCISPNASLFDAVSSLIRNKIHRLPVIDPESGNTLYILTHKRILKFLKLFITEF
PKPEFMSKSLEELQIGTYANIAMVRTTTPVYVALGIFVQHRVSALPVVDEKGRVVDIYSKFDVINLAAEKTYNNLDVSVT
KALQHRSHYFEGVLKCYLHETLETIINRLVEAEVHRLVVVDENDVVKGIVSLSDILQALVLTGG
;
G
#
# COMPACT_ATOMS: atom_id res chain seq x y z
N GLY A 1 27.09 -52.79 -0.79
CA GLY A 1 26.29 -52.06 -1.74
C GLY A 1 26.65 -50.58 -1.81
N SER A 2 25.68 -49.75 -2.16
CA SER A 2 25.88 -48.30 -2.23
C SER A 2 24.60 -47.55 -1.91
N VAL A 3 24.74 -46.40 -1.26
CA VAL A 3 23.57 -45.59 -0.91
C VAL A 3 23.05 -44.81 -2.12
N LYS A 4 21.74 -44.83 -2.31
CA LYS A 4 21.12 -44.06 -3.39
C LYS A 4 19.70 -43.64 -3.04
N ILE A 5 19.32 -42.44 -3.49
CA ILE A 5 17.99 -41.92 -3.26
C ILE A 5 17.21 -41.86 -4.57
N GLY A 6 16.23 -42.74 -4.73
CA GLY A 6 15.51 -42.86 -5.98
C GLY A 6 16.40 -43.39 -7.09
N HIS A 7 16.49 -42.64 -8.17
CA HIS A 7 17.36 -43.02 -9.29
C HIS A 7 18.70 -42.30 -9.22
N TYR A 8 18.92 -41.54 -8.15
CA TYR A 8 20.17 -40.82 -7.96
C TYR A 8 21.07 -41.55 -6.97
N ILE A 9 22.24 -41.97 -7.43
CA ILE A 9 23.22 -42.60 -6.55
C ILE A 9 24.16 -41.55 -5.97
N LEU A 10 24.45 -41.66 -4.68
CA LEU A 10 25.29 -40.69 -4.01
C LEU A 10 26.75 -40.92 -4.38
N GLY A 11 27.66 -40.23 -3.70
CA GLY A 11 29.03 -40.18 -4.17
C GLY A 11 29.88 -39.15 -3.46
N ASP A 12 30.87 -38.64 -4.18
CA ASP A 12 31.79 -37.63 -3.70
C ASP A 12 31.09 -36.46 -3.02
N THR A 13 31.65 -36.00 -1.90
CA THR A 13 31.06 -34.93 -1.09
C THR A 13 31.48 -33.53 -1.56
N LEU A 14 30.51 -32.64 -1.69
CA LEU A 14 30.78 -31.25 -2.10
C LEU A 14 31.24 -30.33 -0.97
N GLY A 15 30.61 -30.43 0.21
CA GLY A 15 30.95 -29.53 1.30
C GLY A 15 30.26 -29.82 2.62
N VAL A 16 30.55 -29.00 3.63
CA VAL A 16 29.96 -29.16 4.96
C VAL A 16 28.57 -28.54 5.09
N GLY A 17 28.37 -27.36 4.52
CA GLY A 17 27.09 -26.68 4.54
C GLY A 17 26.72 -26.05 5.87
N THR A 18 25.48 -25.61 5.97
CA THR A 18 24.96 -25.03 7.20
C THR A 18 24.68 -26.13 8.22
N PHE A 19 23.75 -27.03 7.87
CA PHE A 19 23.39 -28.10 8.78
C PHE A 19 24.11 -29.39 8.40
N GLY A 20 23.63 -30.03 7.35
CA GLY A 20 24.22 -31.27 6.88
C GLY A 20 25.15 -31.09 5.69
N LYS A 21 25.98 -32.09 5.44
CA LYS A 21 26.91 -32.07 4.32
C LYS A 21 26.18 -32.35 3.01
N VAL A 22 26.70 -31.80 1.91
CA VAL A 22 26.10 -32.00 0.60
C VAL A 22 26.98 -32.89 -0.28
N LYS A 23 26.35 -33.74 -1.09
CA LYS A 23 27.08 -34.64 -1.98
C LYS A 23 26.48 -34.62 -3.39
N VAL A 24 27.20 -35.19 -4.35
CA VAL A 24 26.75 -35.21 -5.74
C VAL A 24 25.93 -36.47 -6.06
N GLY A 25 24.80 -36.28 -6.73
CA GLY A 25 24.01 -37.40 -7.20
C GLY A 25 24.30 -37.74 -8.64
N LYS A 26 24.08 -39.01 -9.01
CA LYS A 26 24.24 -39.44 -10.38
C LYS A 26 23.10 -40.38 -10.78
N HIS A 27 22.38 -40.04 -11.84
CA HIS A 27 21.25 -40.84 -12.28
C HIS A 27 21.72 -42.22 -12.72
N GLU A 28 21.05 -43.25 -12.19
CA GLU A 28 21.40 -44.64 -12.48
C GLU A 28 21.35 -44.92 -13.98
N LEU A 29 20.38 -44.33 -14.66
CA LEU A 29 20.18 -44.57 -16.08
C LEU A 29 20.96 -43.57 -16.94
N THR A 30 20.53 -42.32 -16.90
CA THR A 30 21.11 -41.28 -17.75
C THR A 30 22.50 -40.87 -17.29
N GLY A 31 22.67 -40.65 -15.99
CA GLY A 31 23.92 -40.15 -15.47
C GLY A 31 23.96 -38.66 -15.18
N HIS A 32 22.80 -38.04 -15.01
CA HIS A 32 22.72 -36.61 -14.70
C HIS A 32 23.35 -36.30 -13.34
N LYS A 33 23.73 -35.05 -13.13
CA LYS A 33 24.39 -34.63 -11.89
C LYS A 33 23.54 -33.65 -11.08
N VAL A 34 23.28 -34.00 -9.82
CA VAL A 34 22.54 -33.13 -8.91
C VAL A 34 23.25 -33.02 -7.56
N ALA A 35 22.94 -31.97 -6.82
CA ALA A 35 23.53 -31.77 -5.50
C ALA A 35 22.50 -32.04 -4.41
N VAL A 36 22.76 -33.07 -3.60
CA VAL A 36 21.85 -33.44 -2.54
C VAL A 36 22.40 -33.03 -1.17
N LYS A 37 21.57 -32.33 -0.39
CA LYS A 37 21.97 -31.92 0.95
C LYS A 37 21.48 -32.95 1.96
N ILE A 38 22.42 -33.53 2.70
CA ILE A 38 22.09 -34.60 3.63
C ILE A 38 22.01 -34.07 5.05
N LEU A 39 20.80 -33.98 5.58
CA LEU A 39 20.59 -33.53 6.94
C LEU A 39 20.14 -34.70 7.81
N ASN A 40 21.03 -35.15 8.69
CA ASN A 40 20.74 -36.30 9.54
C ASN A 40 19.67 -35.96 10.57
N ARG A 41 18.67 -36.82 10.67
CA ARG A 41 17.58 -36.64 11.62
C ARG A 41 18.12 -36.50 13.04
N GLN A 42 19.06 -37.38 13.41
CA GLN A 42 19.67 -37.36 14.73
C GLN A 42 20.35 -36.03 15.02
N LYS A 43 20.94 -35.42 14.00
CA LYS A 43 21.66 -34.17 14.17
C LYS A 43 20.72 -32.96 14.23
N ILE A 44 19.57 -33.04 13.55
CA ILE A 44 18.60 -31.97 13.59
C ILE A 44 17.57 -32.14 14.72
N ARG A 45 17.54 -33.31 15.33
CA ARG A 45 16.66 -33.56 16.47
C ARG A 45 17.23 -32.93 17.73
N SER A 46 18.56 -32.93 17.83
CA SER A 46 19.26 -32.36 18.97
C SER A 46 18.87 -30.89 19.15
N LEU A 47 19.08 -30.09 18.11
CA LEU A 47 18.59 -28.72 18.10
C LEU A 47 17.08 -28.75 17.86
N ASP A 48 16.35 -27.82 18.45
CA ASP A 48 14.90 -27.90 18.36
C ASP A 48 14.28 -26.71 17.60
N VAL A 49 13.99 -26.93 16.33
CA VAL A 49 13.16 -26.01 15.56
C VAL A 49 12.16 -26.85 14.77
N VAL A 50 10.89 -26.76 15.14
CA VAL A 50 9.88 -27.55 14.47
C VAL A 50 9.09 -26.76 13.43
N GLY A 51 9.27 -25.44 13.40
CA GLY A 51 8.70 -24.63 12.34
C GLY A 51 9.69 -24.03 11.37
N LYS A 52 10.97 -23.96 11.76
CA LYS A 52 11.97 -23.27 10.97
C LYS A 52 12.32 -24.10 9.74
N ILE A 53 12.34 -25.42 9.93
CA ILE A 53 12.67 -26.35 8.87
C ILE A 53 11.48 -26.51 7.93
N ARG A 54 10.28 -26.55 8.51
CA ARG A 54 9.05 -26.69 7.74
C ARG A 54 8.90 -25.57 6.71
N ARG A 55 9.16 -24.34 7.13
CA ARG A 55 8.99 -23.19 6.25
C ARG A 55 10.14 -23.06 5.25
N GLU A 56 11.33 -23.51 5.66
CA GLU A 56 12.50 -23.48 4.77
C GLU A 56 12.23 -24.27 3.49
N ILE A 57 12.03 -25.57 3.64
CA ILE A 57 11.72 -26.47 2.52
C ILE A 57 10.52 -25.95 1.72
N GLN A 58 9.55 -25.40 2.44
CA GLN A 58 8.35 -24.82 1.83
C GLN A 58 8.69 -23.71 0.83
N ASN A 59 9.58 -22.80 1.23
CA ASN A 59 9.94 -21.66 0.40
C ASN A 59 10.75 -22.03 -0.83
N LEU A 60 11.84 -22.77 -0.63
CA LEU A 60 12.74 -23.15 -1.72
C LEU A 60 12.04 -24.03 -2.75
N LYS A 61 10.95 -24.67 -2.35
CA LYS A 61 10.21 -25.57 -3.21
C LYS A 61 9.64 -24.85 -4.44
N LEU A 62 8.88 -23.79 -4.20
CA LEU A 62 8.24 -23.02 -5.25
C LEU A 62 9.23 -22.28 -6.14
N PHE A 63 10.37 -21.91 -5.56
CA PHE A 63 11.34 -21.05 -6.24
C PHE A 63 11.83 -21.61 -7.58
N ARG A 64 11.64 -20.82 -8.63
CA ARG A 64 12.27 -21.06 -9.92
C ARG A 64 12.97 -19.80 -10.38
N HIS A 65 14.30 -19.81 -10.34
CA HIS A 65 15.07 -18.68 -10.83
C HIS A 65 16.40 -19.17 -11.38
N PRO A 66 16.88 -18.54 -12.47
CA PRO A 66 18.15 -18.94 -13.07
C PRO A 66 19.34 -18.77 -12.12
N HIS A 67 19.27 -17.76 -11.25
CA HIS A 67 20.35 -17.48 -10.29
C HIS A 67 20.07 -17.99 -8.87
N ILE A 68 18.92 -18.63 -8.69
CA ILE A 68 18.58 -19.25 -7.41
C ILE A 68 18.67 -20.76 -7.58
N ILE A 69 19.49 -21.43 -6.75
CA ILE A 69 19.60 -22.87 -6.86
C ILE A 69 18.20 -23.47 -6.69
N LYS A 70 17.77 -24.19 -7.72
CA LYS A 70 16.40 -24.64 -7.82
C LYS A 70 16.27 -25.99 -7.14
N LEU A 71 15.35 -26.07 -6.19
CA LEU A 71 15.11 -27.30 -5.47
C LEU A 71 14.16 -28.18 -6.27
N TYR A 72 14.66 -29.35 -6.69
CA TYR A 72 13.89 -30.26 -7.52
C TYR A 72 12.84 -31.01 -6.69
N GLN A 73 13.32 -31.92 -5.84
CA GLN A 73 12.43 -32.69 -4.98
C GLN A 73 13.06 -32.93 -3.61
N VAL A 74 12.23 -33.24 -2.62
CA VAL A 74 12.74 -33.56 -1.29
C VAL A 74 12.33 -34.98 -0.89
N ILE A 75 13.32 -35.86 -0.79
CA ILE A 75 13.05 -37.24 -0.41
C ILE A 75 13.34 -37.43 1.08
N SER A 76 12.39 -38.05 1.77
CA SER A 76 12.45 -38.17 3.21
C SER A 76 12.46 -39.63 3.67
N THR A 77 12.90 -39.83 4.91
CA THR A 77 13.05 -41.17 5.51
C THR A 77 13.46 -40.99 6.97
N PRO A 78 13.05 -41.95 7.83
CA PRO A 78 13.32 -41.89 9.27
C PRO A 78 14.81 -41.72 9.60
N SER A 79 15.69 -42.02 8.65
CA SER A 79 17.13 -41.85 8.85
C SER A 79 17.56 -40.39 8.72
N ASP A 80 17.44 -39.84 7.51
CA ASP A 80 17.83 -38.44 7.26
C ASP A 80 17.04 -37.81 6.12
N ILE A 81 16.88 -36.49 6.14
CA ILE A 81 16.15 -35.78 5.09
C ILE A 81 17.07 -35.33 3.98
N PHE A 82 16.65 -35.53 2.73
CA PHE A 82 17.45 -35.16 1.58
C PHE A 82 16.80 -34.05 0.75
N MET A 83 17.63 -33.26 0.08
CA MET A 83 17.14 -32.27 -0.87
C MET A 83 17.96 -32.30 -2.14
N VAL A 84 17.34 -32.67 -3.26
CA VAL A 84 18.07 -32.68 -4.53
C VAL A 84 17.99 -31.28 -5.17
N MET A 85 19.14 -30.77 -5.60
CA MET A 85 19.22 -29.42 -6.16
C MET A 85 20.05 -29.41 -7.43
N GLU A 86 19.97 -28.33 -8.19
CA GLU A 86 20.72 -28.22 -9.44
C GLU A 86 22.20 -28.11 -9.17
N TYR A 87 22.98 -29.02 -9.75
CA TYR A 87 24.42 -29.02 -9.56
C TYR A 87 25.11 -28.14 -10.60
N VAL A 88 26.06 -27.33 -10.13
CA VAL A 88 26.83 -26.46 -11.00
C VAL A 88 28.32 -26.55 -10.64
N SER A 89 29.19 -26.48 -11.64
CA SER A 89 30.62 -26.62 -11.42
C SER A 89 31.33 -25.29 -11.60
N GLY A 90 32.45 -25.11 -10.89
CA GLY A 90 33.04 -23.79 -10.73
C GLY A 90 32.97 -23.24 -9.32
N GLY A 91 32.49 -24.06 -8.39
CA GLY A 91 32.61 -23.78 -6.96
C GLY A 91 31.93 -22.50 -6.50
N GLU A 92 32.27 -22.05 -5.31
CA GLU A 92 31.75 -20.79 -4.78
C GLU A 92 32.47 -19.59 -5.41
N LEU A 93 31.82 -18.43 -5.37
CA LEU A 93 32.39 -17.21 -5.91
C LEU A 93 33.67 -16.81 -5.17
N PHE A 94 33.77 -17.24 -3.91
CA PHE A 94 34.95 -16.97 -3.10
C PHE A 94 36.18 -17.63 -3.71
N ASP A 95 35.98 -18.79 -4.31
CA ASP A 95 37.06 -19.48 -5.02
C ASP A 95 37.37 -18.79 -6.34
N TYR A 96 36.35 -18.18 -6.94
CA TYR A 96 36.52 -17.49 -8.22
C TYR A 96 37.29 -16.18 -8.04
N ILE A 97 36.88 -15.38 -7.06
CA ILE A 97 37.54 -14.11 -6.77
C ILE A 97 39.01 -14.31 -6.43
N CYS A 98 39.27 -15.13 -5.42
CA CYS A 98 40.64 -15.37 -4.95
C CYS A 98 41.56 -15.85 -6.07
N LYS A 99 41.06 -16.77 -6.89
CA LYS A 99 41.84 -17.33 -7.98
C LYS A 99 42.05 -16.34 -9.12
N ASN A 100 41.05 -15.50 -9.36
CA ASN A 100 41.12 -14.51 -10.44
C ASN A 100 41.56 -13.13 -9.94
N GLY A 101 41.93 -13.05 -8.66
CA GLY A 101 42.30 -11.78 -8.07
C GLY A 101 41.14 -10.82 -7.88
N ARG A 102 41.22 -9.65 -8.49
CA ARG A 102 40.18 -8.63 -8.37
C ARG A 102 39.45 -8.45 -9.69
N LEU A 103 38.13 -8.68 -9.68
CA LEU A 103 37.34 -8.54 -10.88
C LEU A 103 37.20 -7.06 -11.27
N ASP A 104 37.01 -6.82 -12.56
CA ASP A 104 36.85 -5.45 -13.08
C ASP A 104 35.39 -5.04 -13.14
N GLU A 105 35.12 -3.93 -13.82
CA GLU A 105 33.76 -3.40 -13.94
C GLU A 105 32.92 -4.26 -14.87
N LYS A 106 33.35 -4.39 -16.12
CA LYS A 106 32.61 -5.13 -17.14
C LYS A 106 32.23 -6.54 -16.69
N GLU A 107 32.95 -7.06 -15.70
CA GLU A 107 32.65 -8.37 -15.13
C GLU A 107 31.78 -8.27 -13.88
N SER A 108 32.29 -7.63 -12.84
CA SER A 108 31.57 -7.47 -11.58
C SER A 108 30.15 -6.98 -11.77
N ARG A 109 29.99 -6.05 -12.70
CA ARG A 109 28.69 -5.51 -13.05
C ARG A 109 27.75 -6.65 -13.45
N ARG A 110 28.21 -7.50 -14.36
CA ARG A 110 27.43 -8.65 -14.82
C ARG A 110 26.97 -9.53 -13.66
N LEU A 111 27.92 -9.93 -12.81
CA LEU A 111 27.63 -10.83 -11.70
C LEU A 111 26.74 -10.18 -10.63
N PHE A 112 27.05 -8.94 -10.26
CA PHE A 112 26.29 -8.25 -9.23
C PHE A 112 24.82 -8.11 -9.62
N GLN A 113 24.59 -7.77 -10.89
CA GLN A 113 23.24 -7.69 -11.42
C GLN A 113 22.49 -8.99 -11.18
N GLN A 114 23.13 -10.09 -11.58
CA GLN A 114 22.55 -11.42 -11.46
C GLN A 114 22.14 -11.76 -10.04
N ILE A 115 23.06 -11.57 -9.09
CA ILE A 115 22.81 -11.88 -7.70
C ILE A 115 21.69 -11.01 -7.13
N LEU A 116 21.69 -9.74 -7.49
CA LEU A 116 20.70 -8.80 -6.97
C LEU A 116 19.29 -9.13 -7.45
N SER A 117 19.18 -9.79 -8.59
CA SER A 117 17.87 -10.21 -9.10
C SER A 117 17.37 -11.41 -8.33
N GLY A 118 18.30 -12.28 -7.95
CA GLY A 118 17.96 -13.44 -7.16
C GLY A 118 17.41 -13.05 -5.80
N VAL A 119 18.03 -12.06 -5.17
CA VAL A 119 17.59 -11.61 -3.86
C VAL A 119 16.30 -10.79 -4.00
N ASP A 120 16.15 -10.11 -5.13
CA ASP A 120 14.94 -9.36 -5.41
C ASP A 120 13.79 -10.35 -5.55
N TYR A 121 14.06 -11.45 -6.22
CA TYR A 121 13.12 -12.56 -6.36
C TYR A 121 12.67 -13.04 -4.98
N CYS A 122 13.65 -13.27 -4.11
CA CYS A 122 13.39 -13.72 -2.75
C CYS A 122 12.54 -12.72 -1.98
N HIS A 123 12.97 -11.46 -1.98
CA HIS A 123 12.27 -10.41 -1.23
C HIS A 123 10.85 -10.21 -1.73
N ARG A 124 10.66 -10.34 -3.04
CA ARG A 124 9.33 -10.23 -3.64
C ARG A 124 8.44 -11.38 -3.20
N HIS A 125 9.07 -12.50 -2.86
CA HIS A 125 8.35 -13.69 -2.39
C HIS A 125 8.23 -13.72 -0.87
N MET A 126 8.63 -12.63 -0.23
CA MET A 126 8.57 -12.47 1.23
C MET A 126 9.52 -13.41 1.97
N VAL A 127 10.68 -13.68 1.38
CA VAL A 127 11.71 -14.44 2.09
C VAL A 127 13.04 -13.70 2.06
N VAL A 128 13.82 -13.85 3.12
CA VAL A 128 15.09 -13.15 3.21
C VAL A 128 16.23 -14.11 3.43
N HIS A 129 17.20 -14.04 2.53
CA HIS A 129 18.35 -14.91 2.63
C HIS A 129 19.36 -14.13 3.45
N ARG A 130 19.50 -14.52 4.71
CA ARG A 130 20.17 -13.66 5.68
C ARG A 130 21.67 -13.74 5.55
N ASP A 131 22.17 -14.93 5.23
CA ASP A 131 23.60 -15.10 5.10
C ASP A 131 23.98 -15.11 3.63
N LEU A 132 24.49 -13.99 3.14
CA LEU A 132 24.83 -13.87 1.74
C LEU A 132 26.34 -13.71 1.64
N LYS A 133 27.00 -14.75 1.15
CA LYS A 133 28.44 -14.71 1.00
C LYS A 133 28.85 -15.17 -0.39
N PRO A 134 29.99 -14.65 -0.88
CA PRO A 134 30.57 -15.17 -2.12
C PRO A 134 30.98 -16.63 -1.94
N GLU A 135 31.07 -17.03 -0.67
CA GLU A 135 31.30 -18.40 -0.28
C GLU A 135 29.99 -19.20 -0.33
N ASN A 136 28.87 -18.49 -0.34
CA ASN A 136 27.55 -19.11 -0.53
C ASN A 136 26.96 -18.99 -1.92
N VAL A 137 27.67 -18.41 -2.88
CA VAL A 137 27.11 -18.31 -4.22
C VAL A 137 27.98 -19.03 -5.26
N LEU A 138 27.38 -19.98 -5.97
CA LEU A 138 28.12 -20.81 -6.90
C LEU A 138 28.12 -20.26 -8.32
N LEU A 139 28.86 -20.92 -9.21
CA LEU A 139 28.92 -20.53 -10.61
C LEU A 139 28.73 -21.78 -11.45
N ASP A 140 27.92 -21.67 -12.50
CA ASP A 140 27.68 -22.82 -13.38
C ASP A 140 28.85 -23.01 -14.33
N ALA A 141 28.68 -23.90 -15.30
CA ALA A 141 29.71 -24.15 -16.30
C ALA A 141 30.04 -22.88 -17.08
N HIS A 142 29.04 -22.02 -17.27
CA HIS A 142 29.19 -20.80 -18.06
C HIS A 142 29.65 -19.63 -17.20
N MET A 143 29.95 -19.92 -15.92
CA MET A 143 30.45 -18.94 -14.97
C MET A 143 29.44 -17.81 -14.68
N ASN A 144 28.19 -18.19 -14.55
CA ASN A 144 27.12 -17.31 -14.09
C ASN A 144 27.06 -17.26 -12.56
N ALA A 145 25.96 -16.74 -12.02
CA ALA A 145 25.77 -16.69 -10.56
C ALA A 145 24.67 -17.64 -10.07
N LYS A 146 24.95 -18.35 -8.98
CA LYS A 146 23.93 -19.19 -8.32
C LYS A 146 23.92 -19.00 -6.80
N ILE A 147 22.83 -18.47 -6.25
CA ILE A 147 22.69 -18.38 -4.80
C ILE A 147 22.46 -19.76 -4.21
N ALA A 148 23.23 -20.14 -3.19
CA ALA A 148 23.15 -21.53 -2.73
C ALA A 148 22.43 -21.77 -1.42
N ASP A 149 23.10 -21.51 -0.29
CA ASP A 149 22.60 -22.03 0.99
C ASP A 149 21.46 -21.18 1.53
N PHE A 150 20.29 -21.79 1.67
CA PHE A 150 19.13 -21.09 2.21
C PHE A 150 18.89 -21.40 3.68
N GLY A 151 19.79 -22.16 4.30
CA GLY A 151 19.62 -22.59 5.68
C GLY A 151 19.34 -21.48 6.67
N LEU A 152 20.15 -20.42 6.60
CA LEU A 152 20.03 -19.30 7.51
C LEU A 152 18.87 -18.39 7.12
N SER A 153 18.24 -18.67 5.99
CA SER A 153 17.12 -17.87 5.51
C SER A 153 15.88 -18.02 6.38
N ASN A 154 14.97 -17.06 6.25
CA ASN A 154 13.73 -17.01 7.01
C ASN A 154 12.62 -16.43 6.15
N MET A 155 11.37 -16.67 6.54
CA MET A 155 10.24 -16.16 5.77
C MET A 155 9.61 -14.94 6.44
N MET A 156 9.43 -13.89 5.65
CA MET A 156 8.90 -12.62 6.14
C MET A 156 7.39 -12.65 6.37
N SER A 157 6.96 -12.07 7.47
CA SER A 157 5.55 -12.04 7.82
C SER A 157 5.02 -10.62 7.86
N ASP A 158 3.73 -10.45 7.62
CA ASP A 158 3.10 -9.14 7.63
C ASP A 158 3.02 -8.55 9.03
N GLY A 159 3.54 -7.34 9.19
CA GLY A 159 3.55 -6.67 10.47
C GLY A 159 4.56 -7.26 11.43
N GLU A 160 5.40 -8.16 10.93
CA GLU A 160 6.36 -8.86 11.77
C GLU A 160 7.79 -8.58 11.36
N PHE A 161 8.67 -8.52 12.36
CA PHE A 161 10.10 -8.33 12.13
C PHE A 161 10.87 -9.59 12.49
N LEU A 162 12.19 -9.53 12.40
CA LEU A 162 13.02 -10.69 12.69
C LEU A 162 14.04 -10.35 13.77
N ARG A 163 13.96 -11.04 14.90
CA ARG A 163 14.88 -10.80 16.02
C ARG A 163 16.26 -11.40 15.75
N THR A 164 16.28 -12.68 15.39
CA THR A 164 17.50 -13.48 15.38
C THR A 164 18.61 -12.90 14.51
N SER A 165 19.83 -13.14 14.99
CA SER A 165 21.08 -12.78 14.35
C SER A 165 21.95 -14.03 14.26
N CYS A 166 22.52 -14.29 13.09
CA CYS A 166 23.36 -15.48 12.90
C CYS A 166 24.50 -15.20 11.93
N GLY A 167 25.34 -16.20 11.73
CA GLY A 167 26.32 -16.14 10.66
C GLY A 167 27.67 -15.58 11.05
N SER A 168 28.55 -15.53 10.05
CA SER A 168 29.91 -15.02 10.20
C SER A 168 29.89 -13.53 10.57
N PRO A 169 31.06 -12.90 10.82
CA PRO A 169 30.98 -11.48 11.22
C PRO A 169 30.90 -10.43 10.11
N ASN A 170 31.43 -10.71 8.92
CA ASN A 170 31.75 -9.65 7.96
C ASN A 170 30.57 -9.12 7.16
N TYR A 171 29.64 -10.01 6.79
CA TYR A 171 28.54 -9.65 5.91
C TYR A 171 27.28 -9.25 6.66
N ALA A 172 27.33 -9.35 7.98
CA ALA A 172 26.18 -9.03 8.81
C ALA A 172 25.98 -7.52 8.91
N ALA A 173 24.77 -7.07 8.60
CA ALA A 173 24.39 -5.66 8.60
C ALA A 173 24.65 -5.00 9.96
N PRO A 174 24.88 -3.67 9.97
CA PRO A 174 25.18 -2.96 11.22
C PRO A 174 24.10 -3.10 12.27
N GLU A 175 22.88 -3.41 11.86
CA GLU A 175 21.79 -3.62 12.80
C GLU A 175 21.78 -5.02 13.40
N VAL A 176 22.01 -6.05 12.58
CA VAL A 176 21.95 -7.42 13.08
C VAL A 176 23.16 -7.76 13.95
N ILE A 177 24.26 -7.06 13.73
CA ILE A 177 25.45 -7.25 14.55
C ILE A 177 25.20 -6.64 15.92
N SER A 178 24.26 -5.70 15.97
CA SER A 178 23.89 -5.06 17.22
C SER A 178 22.67 -5.74 17.83
N GLY A 179 22.21 -6.82 17.20
CA GLY A 179 21.09 -7.58 17.71
C GLY A 179 19.81 -6.78 17.85
N ARG A 180 19.41 -6.12 16.76
CA ARG A 180 18.23 -5.28 16.76
C ARG A 180 17.20 -5.80 15.75
N LEU A 181 15.95 -5.41 15.93
CA LEU A 181 14.88 -5.83 15.03
C LEU A 181 15.07 -5.31 13.61
N TYR A 182 14.80 -6.15 12.63
CA TYR A 182 14.94 -5.76 11.23
C TYR A 182 13.82 -6.35 10.38
N ALA A 183 13.54 -5.69 9.25
CA ALA A 183 12.52 -6.15 8.31
C ALA A 183 13.04 -7.32 7.49
N GLY A 184 14.34 -7.26 7.16
CA GLY A 184 15.01 -8.28 6.37
C GLY A 184 15.38 -7.97 4.92
N PRO A 185 14.68 -7.04 4.25
CA PRO A 185 15.27 -6.67 2.96
C PRO A 185 16.58 -5.90 3.10
N GLU A 186 16.69 -5.06 4.13
CA GLU A 186 17.86 -4.19 4.28
C GLU A 186 19.11 -4.98 4.68
N VAL A 187 18.93 -6.05 5.44
CA VAL A 187 20.06 -6.85 5.89
C VAL A 187 20.69 -7.60 4.72
N ASP A 188 19.91 -7.82 3.66
CA ASP A 188 20.42 -8.41 2.43
C ASP A 188 21.12 -7.37 1.59
N ILE A 189 20.55 -6.17 1.53
CA ILE A 189 21.13 -5.08 0.77
C ILE A 189 22.52 -4.75 1.29
N TRP A 190 22.68 -4.74 2.61
CA TRP A 190 23.98 -4.51 3.21
C TRP A 190 24.91 -5.69 2.93
N SER A 191 24.36 -6.89 3.03
CA SER A 191 25.12 -8.10 2.74
C SER A 191 25.47 -8.17 1.26
N SER A 192 24.63 -7.58 0.42
CA SER A 192 24.90 -7.57 -1.01
C SER A 192 25.95 -6.52 -1.33
N GLY A 193 25.98 -5.47 -0.52
CA GLY A 193 26.93 -4.39 -0.71
C GLY A 193 28.36 -4.85 -0.53
N VAL A 194 28.60 -5.57 0.56
CA VAL A 194 29.92 -6.07 0.86
C VAL A 194 30.35 -7.14 -0.14
N ILE A 195 29.37 -7.75 -0.81
CA ILE A 195 29.65 -8.71 -1.88
C ILE A 195 30.11 -7.97 -3.13
N LEU A 196 29.40 -6.90 -3.46
CA LEU A 196 29.76 -6.04 -4.58
C LEU A 196 31.15 -5.47 -4.38
N TYR A 197 31.51 -5.23 -3.13
CA TYR A 197 32.82 -4.70 -2.77
C TYR A 197 33.91 -5.74 -3.00
N ALA A 198 33.65 -6.98 -2.59
CA ALA A 198 34.62 -8.06 -2.73
C ALA A 198 34.83 -8.40 -4.20
N LEU A 199 33.80 -8.20 -5.00
CA LEU A 199 33.86 -8.46 -6.43
C LEU A 199 34.72 -7.41 -7.15
N LEU A 200 35.17 -6.40 -6.41
CA LEU A 200 35.96 -5.32 -6.98
C LEU A 200 37.37 -5.29 -6.38
N CYS A 201 37.45 -5.07 -5.08
CA CYS A 201 38.72 -4.95 -4.38
C CYS A 201 39.34 -6.29 -4.01
N GLY A 202 38.54 -7.35 -4.02
CA GLY A 202 39.04 -8.68 -3.68
C GLY A 202 39.16 -8.86 -2.18
N THR A 203 39.13 -7.73 -1.47
CA THR A 203 39.23 -7.71 -0.02
C THR A 203 37.90 -7.23 0.56
N LEU A 204 37.59 -7.66 1.77
CA LEU A 204 36.34 -7.31 2.40
C LEU A 204 36.40 -5.88 2.94
N PRO A 205 35.30 -5.12 2.77
CA PRO A 205 35.24 -3.71 3.18
C PRO A 205 35.32 -3.56 4.70
N PHE A 206 34.86 -4.57 5.42
CA PHE A 206 34.98 -4.59 6.87
C PHE A 206 35.64 -5.90 7.27
N ASP A 207 36.88 -5.81 7.73
CA ASP A 207 37.61 -7.00 8.17
C ASP A 207 38.57 -6.66 9.31
N ASP A 208 38.56 -7.50 10.34
CA ASP A 208 39.48 -7.36 11.46
C ASP A 208 39.74 -8.74 12.07
N ASP A 209 40.88 -8.89 12.72
CA ASP A 209 41.28 -10.20 13.24
C ASP A 209 40.46 -10.63 14.44
N HIS A 210 39.97 -9.67 15.23
CA HIS A 210 39.19 -10.00 16.41
C HIS A 210 37.97 -9.10 16.58
N VAL A 211 36.86 -9.70 17.00
CA VAL A 211 35.63 -8.97 17.31
C VAL A 211 35.65 -8.51 18.77
N PRO A 212 34.78 -7.56 19.16
CA PRO A 212 33.81 -6.72 18.45
C PRO A 212 34.43 -5.66 17.53
N THR A 213 35.74 -5.44 17.60
CA THR A 213 36.37 -4.39 16.79
C THR A 213 36.00 -4.51 15.31
N LEU A 214 35.60 -5.70 14.87
CA LEU A 214 35.03 -5.87 13.53
C LEU A 214 33.63 -5.26 13.50
N PHE A 215 32.84 -5.51 14.54
CA PHE A 215 31.51 -4.92 14.65
C PHE A 215 31.59 -3.41 14.84
N LYS A 216 32.56 -2.97 15.63
CA LYS A 216 32.82 -1.55 15.84
C LYS A 216 33.19 -0.89 14.51
N LYS A 217 33.90 -1.63 13.67
CA LYS A 217 34.22 -1.17 12.32
C LYS A 217 32.99 -1.18 11.44
N ILE A 218 32.09 -2.14 11.68
CA ILE A 218 30.88 -2.28 10.86
C ILE A 218 29.84 -1.21 11.22
N CYS A 219 29.64 -0.99 12.51
CA CYS A 219 28.73 0.06 12.96
C CYS A 219 29.12 1.42 12.41
N ASP A 220 30.42 1.66 12.29
CA ASP A 220 30.92 2.89 11.70
C ASP A 220 30.99 2.75 10.18
N GLY A 221 30.39 3.70 9.47
CA GLY A 221 30.28 3.59 8.02
C GLY A 221 31.54 3.91 7.26
N ILE A 222 32.66 4.06 7.98
CA ILE A 222 33.91 4.38 7.33
C ILE A 222 34.56 3.09 6.83
N PHE A 223 34.94 3.09 5.56
CA PHE A 223 35.57 1.92 4.95
C PHE A 223 36.50 2.33 3.81
N TYR A 224 37.57 1.58 3.64
CA TYR A 224 38.61 1.88 2.65
C TYR A 224 38.07 1.87 1.24
N THR A 225 38.37 2.91 0.47
CA THR A 225 37.99 2.99 -0.93
C THR A 225 39.22 3.08 -1.84
N PRO A 226 39.48 2.02 -2.63
CA PRO A 226 40.60 2.06 -3.57
C PRO A 226 40.34 2.98 -4.78
N GLN A 227 41.42 3.50 -5.35
CA GLN A 227 41.38 4.29 -6.58
C GLN A 227 40.93 3.41 -7.75
N TYR A 228 40.82 2.13 -7.46
CA TYR A 228 40.53 1.07 -8.43
C TYR A 228 39.42 1.40 -9.42
N LEU A 229 38.30 1.93 -8.92
CA LEU A 229 37.15 2.19 -9.79
C LEU A 229 36.65 3.64 -9.78
N ASN A 230 35.62 3.89 -10.57
CA ASN A 230 35.04 5.22 -10.73
C ASN A 230 34.16 5.60 -9.53
N PRO A 231 33.86 6.92 -9.38
CA PRO A 231 33.07 7.37 -8.24
C PRO A 231 31.63 6.85 -8.21
N SER A 232 31.14 6.34 -9.33
CA SER A 232 29.76 5.85 -9.39
C SER A 232 29.56 4.61 -8.53
N VAL A 233 30.50 3.67 -8.59
CA VAL A 233 30.41 2.47 -7.77
C VAL A 233 30.54 2.80 -6.29
N ILE A 234 31.17 3.94 -6.01
CA ILE A 234 31.39 4.38 -4.64
C ILE A 234 30.13 5.01 -4.07
N SER A 235 29.45 5.82 -4.88
CA SER A 235 28.19 6.43 -4.46
C SER A 235 27.15 5.35 -4.20
N LEU A 236 27.23 4.27 -4.99
CA LEU A 236 26.36 3.13 -4.82
C LEU A 236 26.68 2.41 -3.52
N LEU A 237 27.95 2.07 -3.33
CA LEU A 237 28.40 1.34 -2.15
C LEU A 237 28.15 2.10 -0.86
N LYS A 238 28.42 3.41 -0.86
CA LYS A 238 28.28 4.21 0.35
C LYS A 238 26.81 4.43 0.71
N HIS A 239 25.94 4.49 -0.29
CA HIS A 239 24.51 4.61 -0.07
C HIS A 239 23.88 3.24 0.26
N MET A 240 24.53 2.19 -0.23
CA MET A 240 24.08 0.82 -0.01
C MET A 240 24.51 0.30 1.36
N LEU A 241 25.72 0.67 1.76
CA LEU A 241 26.32 0.20 3.02
C LEU A 241 26.07 1.16 4.18
N GLN A 242 25.21 2.15 3.95
CA GLN A 242 24.90 3.17 4.94
C GLN A 242 24.55 2.56 6.30
N VAL A 243 25.07 3.16 7.36
CA VAL A 243 24.88 2.64 8.71
C VAL A 243 23.45 2.77 9.19
N ASP A 244 22.76 3.78 8.66
CA ASP A 244 21.36 4.00 9.03
C ASP A 244 20.48 3.15 8.14
N PRO A 245 19.75 2.19 8.73
CA PRO A 245 18.89 1.28 7.98
C PRO A 245 17.82 2.02 7.21
N MET A 246 17.45 3.20 7.70
CA MET A 246 16.48 4.06 7.04
C MET A 246 17.13 4.84 5.89
N LYS A 247 18.42 5.16 6.04
CA LYS A 247 19.15 5.92 5.04
C LYS A 247 19.76 5.01 3.98
N ARG A 248 19.57 3.71 4.14
CA ARG A 248 20.16 2.73 3.24
C ARG A 248 19.45 2.75 1.89
N ALA A 249 19.95 1.97 0.94
CA ALA A 249 19.35 1.88 -0.37
C ALA A 249 18.43 0.66 -0.43
N SER A 250 17.31 0.79 -1.13
CA SER A 250 16.42 -0.34 -1.31
C SER A 250 16.75 -1.03 -2.63
N ILE A 251 16.06 -2.14 -2.92
CA ILE A 251 16.30 -2.89 -4.15
C ILE A 251 15.93 -2.03 -5.35
N LYS A 252 15.04 -1.07 -5.11
CA LYS A 252 14.64 -0.10 -6.12
C LYS A 252 15.74 0.92 -6.37
N ASP A 253 16.38 1.36 -5.30
CA ASP A 253 17.43 2.37 -5.40
C ASP A 253 18.60 1.93 -6.28
N ILE A 254 18.97 0.66 -6.17
CA ILE A 254 20.07 0.12 -6.95
C ILE A 254 19.69 0.01 -8.43
N ARG A 255 18.44 -0.38 -8.69
CA ARG A 255 17.93 -0.49 -10.05
C ARG A 255 18.00 0.86 -10.77
N GLU A 256 17.75 1.94 -10.03
CA GLU A 256 17.72 3.29 -10.60
C GLU A 256 19.11 3.89 -10.72
N HIS A 257 20.09 3.29 -10.06
CA HIS A 257 21.45 3.82 -10.07
C HIS A 257 22.09 3.70 -11.45
N GLU A 258 23.04 4.58 -11.74
CA GLU A 258 23.64 4.65 -13.07
C GLU A 258 24.54 3.46 -13.40
N TRP A 259 25.50 3.19 -12.52
CA TRP A 259 26.49 2.13 -12.77
C TRP A 259 25.82 0.76 -12.92
N PHE A 260 24.68 0.60 -12.27
CA PHE A 260 23.94 -0.66 -12.30
C PHE A 260 23.14 -0.81 -13.59
N LYS A 261 22.80 0.31 -14.22
CA LYS A 261 22.00 0.30 -15.44
C LYS A 261 22.79 -0.14 -16.66
N GLN A 262 24.05 0.28 -16.73
CA GLN A 262 24.90 0.01 -17.88
C GLN A 262 25.02 -1.49 -18.15
N ASP A 263 24.83 -1.87 -19.42
CA ASP A 263 24.98 -3.26 -19.85
C ASP A 263 24.15 -4.24 -19.03
N LEU A 264 22.92 -3.85 -18.70
CA LEU A 264 22.03 -4.71 -17.93
C LEU A 264 20.89 -5.24 -18.80
N PRO A 265 20.85 -6.56 -19.00
CA PRO A 265 19.80 -7.20 -19.80
C PRO A 265 18.41 -7.06 -19.17
N LYS A 266 17.37 -7.09 -20.00
CA LYS A 266 15.99 -6.92 -19.54
C LYS A 266 15.47 -8.13 -18.76
N TYR A 267 15.93 -9.32 -19.15
CA TYR A 267 15.42 -10.58 -18.60
C TYR A 267 15.54 -10.65 -17.08
N LEU A 268 16.56 -9.99 -16.55
CA LEU A 268 16.91 -10.05 -15.15
C LEU A 268 15.80 -9.51 -14.26
N PHE A 269 15.37 -8.29 -14.58
CA PHE A 269 14.22 -7.69 -13.91
C PHE A 269 12.98 -7.83 -14.78
N PRO A 270 11.98 -8.57 -14.29
CA PRO A 270 10.77 -8.93 -15.03
C PRO A 270 9.88 -7.72 -15.32
N GLU A 271 10.30 -6.88 -16.27
CA GLU A 271 9.53 -5.72 -16.68
C GLU A 271 9.43 -5.64 -18.20
N ILE A 320 6.78 2.66 -27.58
CA ILE A 320 5.65 3.46 -27.12
C ILE A 320 4.93 2.76 -25.97
N ASP A 321 5.09 1.45 -25.88
CA ASP A 321 4.48 0.67 -24.81
C ASP A 321 5.10 0.99 -23.46
N ASN A 322 6.21 1.72 -23.47
CA ASN A 322 6.86 2.13 -22.23
C ASN A 322 6.12 3.29 -21.58
N ARG A 323 5.68 4.24 -22.40
CA ARG A 323 4.88 5.37 -21.94
C ARG A 323 3.47 4.92 -21.62
N ARG A 324 2.95 4.00 -22.44
CA ARG A 324 1.63 3.44 -22.23
C ARG A 324 1.59 2.63 -20.94
N ILE A 325 2.72 1.99 -20.62
CA ILE A 325 2.84 1.20 -19.39
C ILE A 325 2.78 2.09 -18.16
N MET A 326 3.28 3.31 -18.31
CA MET A 326 3.24 4.30 -17.24
C MET A 326 1.83 4.29 -16.67
N ASN A 327 0.85 4.69 -17.48
CA ASN A 327 -0.56 4.75 -17.08
C ASN A 327 -1.04 3.52 -16.31
N GLU A 328 -0.60 2.34 -16.75
CA GLU A 328 -0.97 1.09 -16.10
C GLU A 328 -0.43 1.04 -14.67
N ALA A 329 0.81 1.50 -14.49
CA ALA A 329 1.40 1.69 -13.16
C ALA A 329 1.45 3.16 -12.67
N LYS A 330 0.92 4.10 -13.45
CA LYS A 330 1.04 5.53 -13.15
C LYS A 330 0.06 5.97 -12.09
N ASP A 331 -0.09 7.28 -11.95
CA ASP A 331 -0.77 7.91 -10.81
C ASP A 331 -2.08 7.21 -10.52
N PHE A 332 -2.65 6.57 -11.54
CA PHE A 332 -3.83 5.72 -11.39
C PHE A 332 -3.70 4.64 -10.29
N TYR A 333 -2.66 3.81 -10.34
CA TYR A 333 -2.49 2.74 -9.35
C TYR A 333 -1.82 3.15 -8.03
N LEU A 334 -0.82 4.04 -8.10
CA LEU A 334 -0.05 4.42 -6.92
C LEU A 334 0.24 5.91 -6.83
N ALA A 335 0.75 6.35 -5.69
CA ALA A 335 1.10 7.75 -5.48
C ALA A 335 2.59 8.01 -5.64
N THR A 336 2.93 9.02 -6.43
CA THR A 336 4.33 9.39 -6.67
C THR A 336 4.79 10.44 -5.66
N SER A 337 5.99 10.25 -5.11
CA SER A 337 6.60 11.21 -4.20
C SER A 337 6.71 12.58 -4.86
N PRO A 338 6.78 13.66 -4.06
CA PRO A 338 6.79 14.99 -4.68
C PRO A 338 7.97 15.19 -5.64
N PRO A 339 7.67 15.61 -6.88
CA PRO A 339 8.68 15.79 -7.93
C PRO A 339 9.39 17.14 -7.82
N ASP A 345 10.82 23.85 -8.37
CA ASP A 345 11.92 22.94 -8.67
C ASP A 345 11.56 21.99 -9.81
N HIS A 346 10.26 21.86 -10.06
CA HIS A 346 9.75 20.98 -11.11
C HIS A 346 8.66 21.68 -11.91
N HIS A 347 8.44 21.22 -13.14
CA HIS A 347 7.40 21.78 -14.00
C HIS A 347 6.04 21.65 -13.33
N LEU A 348 5.20 22.68 -13.48
CA LEU A 348 3.87 22.63 -12.88
C LEU A 348 3.02 21.60 -13.62
N THR A 349 2.41 20.71 -12.85
CA THR A 349 1.58 19.65 -13.42
C THR A 349 0.15 19.86 -12.99
N ARG A 350 -0.79 19.29 -13.73
CA ARG A 350 -2.21 19.49 -13.45
C ARG A 350 -2.66 18.62 -12.28
N PRO A 351 -2.97 19.27 -11.15
CA PRO A 351 -3.45 18.54 -9.98
C PRO A 351 -4.88 18.06 -10.15
N HIS A 352 -5.18 16.85 -9.68
CA HIS A 352 -6.50 16.27 -9.78
C HIS A 352 -7.53 17.24 -9.20
N PRO A 353 -8.65 17.43 -9.91
CA PRO A 353 -9.67 18.42 -9.53
C PRO A 353 -10.14 18.29 -8.09
N GLU A 354 -10.21 17.07 -7.59
CA GLU A 354 -10.62 16.86 -6.21
C GLU A 354 -9.45 17.07 -5.25
N ARG A 355 -8.23 17.15 -5.76
CA ARG A 355 -7.11 17.49 -4.89
C ARG A 355 -6.75 18.98 -4.86
N VAL A 356 -7.24 19.76 -5.82
CA VAL A 356 -6.94 21.19 -5.84
C VAL A 356 -7.64 22.03 -4.76
N PRO A 357 -8.94 21.80 -4.45
CA PRO A 357 -9.62 22.78 -3.59
C PRO A 357 -9.02 22.85 -2.19
N PHE A 358 -8.56 21.71 -1.70
CA PHE A 358 -7.91 21.65 -0.41
C PHE A 358 -6.54 22.29 -0.54
N LEU A 359 -5.88 22.01 -1.66
CA LEU A 359 -4.53 22.49 -1.91
C LEU A 359 -4.46 23.99 -2.19
N VAL A 360 -5.35 24.49 -3.04
CA VAL A 360 -5.34 25.90 -3.41
C VAL A 360 -5.61 26.79 -2.20
N ALA A 361 -6.25 26.24 -1.18
CA ALA A 361 -6.56 26.97 0.04
C ALA A 361 -5.54 26.72 1.16
N GLU A 362 -4.54 25.88 0.90
CA GLU A 362 -3.50 25.60 1.89
C GLU A 362 -2.24 26.40 1.62
N THR A 363 -1.63 26.18 0.46
CA THR A 363 -0.41 26.89 0.08
C THR A 363 -0.55 27.60 -1.26
N ARG A 384 -1.97 21.14 12.65
CA ARG A 384 -1.83 20.72 11.26
C ARG A 384 -2.09 19.22 11.15
N LYS A 385 -1.32 18.52 10.32
CA LYS A 385 -1.53 17.08 10.22
C LYS A 385 -0.50 16.43 11.12
N ALA A 386 -0.89 16.16 12.37
CA ALA A 386 0.07 15.54 13.27
C ALA A 386 -0.47 14.22 13.76
N LYS A 387 -0.02 13.13 13.14
CA LYS A 387 -0.52 11.80 13.47
C LYS A 387 0.59 11.02 14.17
N TRP A 388 0.24 10.39 15.28
CA TRP A 388 1.22 9.71 16.12
C TRP A 388 1.37 8.24 15.76
N HIS A 389 2.22 7.55 16.52
CA HIS A 389 2.39 6.12 16.34
C HIS A 389 1.31 5.38 17.09
N LEU A 390 1.45 5.34 18.42
CA LEU A 390 0.51 4.64 19.30
C LEU A 390 0.55 5.26 20.70
N GLY A 391 -0.06 4.59 21.67
CA GLY A 391 -0.02 5.07 23.04
C GLY A 391 1.39 5.02 23.59
N ILE A 392 1.90 6.17 24.03
CA ILE A 392 3.27 6.28 24.51
C ILE A 392 3.35 7.08 25.82
N ARG A 393 3.83 6.43 26.87
CA ARG A 393 3.99 7.06 28.18
C ARG A 393 5.43 7.09 28.60
N SER A 394 5.71 7.64 29.78
CA SER A 394 7.05 7.63 30.37
C SER A 394 7.33 6.66 31.53
N GLN A 395 6.41 5.75 31.86
CA GLN A 395 6.63 4.87 33.03
C GLN A 395 7.64 3.73 32.81
N SER A 396 7.92 2.99 33.88
CA SER A 396 8.90 1.90 33.86
C SER A 396 8.39 0.72 33.05
N ARG A 397 9.28 -0.17 32.63
CA ARG A 397 8.85 -1.33 31.83
C ARG A 397 7.90 -2.27 32.60
N PRO A 398 8.34 -2.82 33.75
CA PRO A 398 7.38 -3.72 34.42
C PRO A 398 6.22 -2.98 35.09
N ASN A 399 6.47 -1.74 35.52
CA ASN A 399 5.47 -0.94 36.22
C ASN A 399 4.38 -0.47 35.28
N ASP A 400 4.68 -0.48 33.99
CA ASP A 400 3.73 -0.04 32.97
C ASP A 400 2.71 -1.12 32.67
N ILE A 401 3.20 -2.26 32.15
CA ILE A 401 2.36 -3.38 31.76
C ILE A 401 1.36 -3.76 32.85
N MET A 402 1.81 -3.74 34.10
CA MET A 402 0.94 -4.04 35.24
C MET A 402 -0.22 -3.06 35.36
N ALA A 403 0.06 -1.78 35.17
CA ALA A 403 -0.98 -0.75 35.22
C ALA A 403 -1.89 -0.86 34.01
N GLU A 404 -1.43 -1.58 33.00
CA GLU A 404 -2.19 -1.83 31.78
C GLU A 404 -3.10 -3.04 31.93
N VAL A 405 -2.50 -4.21 32.20
CA VAL A 405 -3.23 -5.46 32.29
C VAL A 405 -4.46 -5.38 33.19
N CYS A 406 -4.39 -4.55 34.23
CA CYS A 406 -5.53 -4.33 35.12
C CYS A 406 -6.72 -3.77 34.35
N ARG A 407 -6.40 -2.94 33.36
CA ARG A 407 -7.42 -2.35 32.50
C ARG A 407 -7.83 -3.33 31.40
N ALA A 408 -6.88 -4.17 31.00
CA ALA A 408 -7.15 -5.21 30.01
C ALA A 408 -8.15 -6.22 30.57
N ILE A 409 -8.03 -6.48 31.87
CA ILE A 409 -8.97 -7.37 32.56
C ILE A 409 -10.14 -6.60 33.17
N LYS A 410 -10.05 -5.27 33.17
CA LYS A 410 -11.15 -4.43 33.66
C LYS A 410 -12.38 -4.66 32.82
N GLN A 411 -12.16 -4.83 31.52
CA GLN A 411 -13.21 -5.19 30.59
C GLN A 411 -13.32 -6.71 30.50
N LEU A 412 -14.24 -7.18 29.67
CA LEU A 412 -14.43 -8.61 29.46
C LEU A 412 -13.20 -9.25 28.83
N ASP A 413 -12.45 -8.45 28.06
CA ASP A 413 -11.31 -8.92 27.28
C ASP A 413 -10.29 -9.67 28.14
N TYR A 414 -9.78 -10.77 27.60
CA TYR A 414 -8.80 -11.59 28.31
C TYR A 414 -7.44 -11.57 27.60
N GLU A 415 -6.38 -11.80 28.37
CA GLU A 415 -5.02 -11.69 27.84
C GLU A 415 -4.19 -12.94 28.11
N TRP A 416 -3.67 -13.55 27.05
CA TRP A 416 -2.68 -14.60 27.20
C TRP A 416 -1.36 -14.12 26.61
N LYS A 417 -0.40 -13.83 27.48
CA LYS A 417 0.88 -13.28 27.03
C LYS A 417 1.82 -14.39 26.59
N VAL A 418 2.48 -14.19 25.45
CA VAL A 418 3.46 -15.13 24.92
C VAL A 418 4.80 -14.90 25.60
N VAL A 419 5.87 -15.41 24.98
CA VAL A 419 7.21 -15.46 25.55
C VAL A 419 7.63 -14.19 26.31
N ASN A 420 7.74 -13.05 25.63
CA ASN A 420 8.14 -11.81 26.29
C ASN A 420 7.12 -11.30 27.30
N PRO A 421 7.60 -10.78 28.44
CA PRO A 421 6.74 -10.18 29.47
C PRO A 421 6.16 -8.84 29.02
N TYR A 422 6.82 -8.20 28.05
CA TYR A 422 6.36 -6.92 27.52
C TYR A 422 5.53 -7.12 26.26
N TYR A 423 5.41 -8.38 25.83
CA TYR A 423 4.63 -8.73 24.65
C TYR A 423 3.38 -9.49 25.08
N LEU A 424 2.21 -8.94 24.76
CA LEU A 424 0.95 -9.57 25.11
C LEU A 424 0.08 -9.79 23.87
N ARG A 425 -0.68 -10.88 23.88
CA ARG A 425 -1.65 -11.14 22.81
C ARG A 425 -3.05 -11.19 23.41
N VAL A 426 -3.87 -10.19 23.08
CA VAL A 426 -5.22 -10.14 23.63
C VAL A 426 -6.27 -10.34 22.53
N ARG A 427 -7.41 -10.89 22.93
CA ARG A 427 -8.51 -11.11 22.00
C ARG A 427 -9.84 -11.07 22.77
N ARG A 428 -10.89 -10.63 22.10
CA ARG A 428 -12.21 -10.60 22.73
C ARG A 428 -13.30 -10.98 21.74
N LYS A 429 -14.40 -11.47 22.28
CA LYS A 429 -15.57 -11.83 21.48
C LYS A 429 -16.38 -10.59 21.15
N ASN A 430 -16.90 -10.51 19.93
CA ASN A 430 -17.76 -9.41 19.52
C ASN A 430 -18.98 -9.33 20.43
N PRO A 431 -19.27 -8.13 20.97
CA PRO A 431 -20.45 -7.98 21.83
C PRO A 431 -21.78 -8.16 21.08
N VAL A 432 -21.82 -7.75 19.82
CA VAL A 432 -23.03 -7.87 19.01
C VAL A 432 -23.21 -9.24 18.35
N THR A 433 -22.12 -9.82 17.86
CA THR A 433 -22.16 -11.07 17.10
C THR A 433 -21.29 -12.12 17.78
N SER A 434 -21.14 -13.27 17.14
CA SER A 434 -20.30 -14.33 17.67
C SER A 434 -18.86 -14.26 17.13
N THR A 435 -18.57 -13.22 16.35
CA THR A 435 -17.24 -13.07 15.76
C THR A 435 -16.20 -12.73 16.83
N TYR A 436 -14.94 -13.04 16.55
CA TYR A 436 -13.85 -12.75 17.48
C TYR A 436 -12.62 -12.22 16.76
N SER A 437 -12.14 -11.05 17.18
CA SER A 437 -10.95 -10.46 16.61
C SER A 437 -9.85 -10.32 17.66
N LYS A 438 -8.65 -10.74 17.30
CA LYS A 438 -7.49 -10.68 18.19
C LYS A 438 -6.59 -9.51 17.82
N MET A 439 -5.46 -9.41 18.50
CA MET A 439 -4.45 -8.39 18.18
C MET A 439 -3.12 -8.68 18.89
N SER A 440 -2.15 -7.78 18.74
CA SER A 440 -0.85 -7.96 19.37
C SER A 440 -0.31 -6.65 19.96
N LEU A 441 0.01 -6.66 21.25
CA LEU A 441 0.60 -5.49 21.90
C LEU A 441 2.02 -5.75 22.40
N GLN A 442 2.99 -5.09 21.76
CA GLN A 442 4.39 -5.24 22.14
C GLN A 442 4.96 -3.93 22.68
N LEU A 443 5.60 -3.99 23.84
CA LEU A 443 6.17 -2.80 24.46
C LEU A 443 7.64 -2.63 24.07
N TYR A 444 7.92 -1.57 23.31
CA TYR A 444 9.28 -1.27 22.89
C TYR A 444 9.87 -0.17 23.77
N GLN A 445 11.13 0.18 23.51
CA GLN A 445 11.79 1.26 24.23
C GLN A 445 12.28 2.31 23.26
N VAL A 446 11.71 3.51 23.34
CA VAL A 446 12.06 4.57 22.39
C VAL A 446 13.40 5.23 22.75
N ASP A 447 13.66 5.40 24.04
CA ASP A 447 14.89 6.02 24.51
C ASP A 447 15.12 5.75 26.00
N SER A 448 16.08 6.45 26.59
CA SER A 448 16.38 6.32 28.01
C SER A 448 15.19 6.59 28.95
N ARG A 449 14.43 7.64 28.68
CA ARG A 449 13.35 8.04 29.59
C ARG A 449 11.92 7.59 29.23
N THR A 450 11.76 6.88 28.12
CA THR A 450 10.42 6.64 27.61
C THR A 450 10.26 5.25 26.94
N TYR A 451 9.06 4.68 27.05
CA TYR A 451 8.74 3.41 26.41
C TYR A 451 7.50 3.58 25.51
N LEU A 452 7.28 2.64 24.61
CA LEU A 452 6.16 2.75 23.66
C LEU A 452 5.41 1.42 23.51
N LEU A 453 4.07 1.51 23.43
CA LEU A 453 3.22 0.34 23.26
C LEU A 453 2.69 0.23 21.83
N ASP A 454 2.85 -0.93 21.21
CA ASP A 454 2.41 -1.13 19.83
C ASP A 454 1.14 -1.96 19.73
N PHE A 455 0.30 -1.62 18.76
CA PHE A 455 -0.98 -2.29 18.54
C PHE A 455 -0.98 -2.89 17.14
N ARG A 456 -1.13 -4.21 17.04
CA ARG A 456 -1.09 -4.87 15.74
C ARG A 456 -2.27 -5.80 15.53
N SER A 457 -2.82 -5.82 14.32
CA SER A 457 -3.93 -6.70 13.99
C SER A 457 -3.44 -8.13 13.72
N ILE A 458 -4.37 -8.97 13.26
CA ILE A 458 -4.20 -10.43 13.22
C ILE A 458 -4.50 -11.05 11.86
N ASP A 459 -4.86 -12.33 11.92
CA ASP A 459 -5.28 -13.10 10.76
C ASP A 459 -5.75 -14.47 11.24
N ASP A 460 -6.65 -15.09 10.46
CA ASP A 460 -7.12 -16.44 10.77
C ASP A 460 -7.71 -17.07 9.51
N GLY A 461 -7.79 -18.40 9.52
CA GLY A 461 -8.07 -19.17 8.32
C GLY A 461 -8.11 -20.65 8.65
N PRO A 518 -20.02 -14.78 4.72
CA PRO A 518 -20.99 -13.74 5.10
C PRO A 518 -20.73 -13.21 6.50
N ARG A 519 -21.00 -11.92 6.74
CA ARG A 519 -20.81 -11.33 8.06
C ARG A 519 -21.31 -9.88 8.12
N PRO A 520 -22.05 -9.56 9.18
CA PRO A 520 -22.62 -8.22 9.35
C PRO A 520 -21.67 -7.24 10.06
N GLY A 521 -20.43 -7.65 10.32
CA GLY A 521 -19.48 -6.78 10.98
C GLY A 521 -18.11 -6.81 10.35
N SER A 522 -17.24 -5.92 10.82
CA SER A 522 -15.97 -5.65 10.14
C SER A 522 -14.76 -6.00 11.01
N HIS A 523 -13.87 -6.83 10.47
CA HIS A 523 -12.67 -7.23 11.19
C HIS A 523 -11.73 -6.04 11.40
N THR A 524 -11.63 -5.18 10.39
CA THR A 524 -10.77 -3.99 10.47
C THR A 524 -11.27 -3.01 11.52
N ILE A 525 -12.56 -2.71 11.49
CA ILE A 525 -13.15 -1.76 12.43
C ILE A 525 -13.17 -2.32 13.86
N GLU A 526 -13.51 -3.60 13.99
CA GLU A 526 -13.52 -4.25 15.30
C GLU A 526 -12.16 -4.17 15.96
N PHE A 527 -11.10 -4.16 15.15
CA PHE A 527 -9.75 -4.00 15.67
C PHE A 527 -9.57 -2.62 16.29
N PHE A 528 -10.06 -1.59 15.62
CA PHE A 528 -9.94 -0.21 16.09
C PHE A 528 -10.71 -0.01 17.40
N GLU A 529 -11.99 -0.35 17.39
CA GLU A 529 -12.84 -0.23 18.58
C GLU A 529 -12.25 -0.98 19.76
N MET A 530 -11.72 -2.16 19.49
CA MET A 530 -11.09 -2.97 20.52
C MET A 530 -9.92 -2.24 21.17
N CYS A 531 -9.11 -1.59 20.33
CA CYS A 531 -7.98 -0.82 20.82
C CYS A 531 -8.46 0.46 21.51
N ALA A 532 -9.36 1.18 20.84
CA ALA A 532 -9.86 2.46 21.32
C ALA A 532 -10.41 2.35 22.74
N ASN A 533 -11.17 1.29 23.01
CA ASN A 533 -11.73 1.07 24.34
C ASN A 533 -10.63 0.87 25.37
N LEU A 534 -9.60 0.12 24.99
CA LEU A 534 -8.46 -0.13 25.88
C LEU A 534 -7.67 1.15 26.13
N ILE A 535 -7.47 1.93 25.08
CA ILE A 535 -6.72 3.18 25.16
C ILE A 535 -7.44 4.21 26.02
N LYS A 536 -8.77 4.20 25.95
CA LYS A 536 -9.59 5.14 26.71
C LYS A 536 -9.33 5.08 28.22
N ILE A 537 -9.14 3.87 28.74
CA ILE A 537 -8.89 3.69 30.16
C ILE A 537 -7.43 3.95 30.53
N LEU A 538 -6.54 3.79 29.56
CA LEU A 538 -5.11 3.97 29.77
C LEU A 538 -4.71 5.45 29.77
N ALA A 539 -5.61 6.29 29.28
CA ALA A 539 -5.35 7.72 29.21
C ALA A 539 -6.13 8.48 30.27
N GLN A 540 -7.46 8.44 30.15
CA GLN A 540 -8.34 9.15 31.07
C GLN A 540 -8.92 8.21 32.11
N TYR B 119 36.34 -16.36 6.40
CA TYR B 119 36.58 -15.99 7.79
C TYR B 119 35.42 -16.41 8.68
N ALA B 120 35.60 -17.55 9.35
CA ALA B 120 34.57 -18.13 10.19
C ALA B 120 34.76 -17.63 11.64
N PHE B 121 33.86 -17.93 12.58
CA PHE B 121 32.61 -18.67 12.37
C PHE B 121 31.42 -17.77 12.59
N ARG B 122 30.28 -18.40 12.82
CA ARG B 122 29.03 -17.72 13.15
C ARG B 122 28.89 -17.19 14.60
N SER B 123 28.53 -15.91 14.74
CA SER B 123 28.53 -15.17 16.01
C SER B 123 27.17 -15.01 16.75
N GLU B 124 27.17 -14.10 17.73
CA GLU B 124 26.12 -13.96 18.76
C GLU B 124 24.86 -13.13 18.47
N GLU B 125 24.02 -13.04 19.51
CA GLU B 125 22.69 -12.41 19.49
C GLU B 125 22.48 -11.54 20.75
N ARG B 126 21.51 -10.62 20.69
CA ARG B 126 21.26 -9.73 21.83
C ARG B 126 19.97 -10.02 22.58
N PHE B 127 20.09 -10.34 23.87
CA PHE B 127 18.94 -10.67 24.71
C PHE B 127 18.43 -9.57 25.66
N LYS B 128 18.95 -8.35 25.55
CA LYS B 128 18.48 -7.27 26.41
C LYS B 128 17.07 -6.80 26.06
N SER B 129 16.18 -6.87 27.04
CA SER B 129 14.76 -6.56 26.88
C SER B 129 14.35 -5.38 27.76
N PRO B 130 13.27 -4.66 27.40
CA PRO B 130 12.38 -4.85 26.24
C PRO B 130 13.06 -4.50 24.92
N PRO B 131 12.61 -5.12 23.82
CA PRO B 131 13.19 -4.85 22.50
C PRO B 131 13.04 -3.39 22.12
N ILE B 132 14.04 -2.84 21.45
CA ILE B 132 14.04 -1.44 21.06
C ILE B 132 13.18 -1.24 19.83
N LEU B 133 12.38 -0.17 19.82
CA LEU B 133 11.45 0.11 18.73
C LEU B 133 12.17 0.20 17.39
N PRO B 134 11.80 -0.66 16.44
CA PRO B 134 12.42 -0.66 15.11
C PRO B 134 12.10 0.62 14.34
N PRO B 135 13.07 1.13 13.57
CA PRO B 135 12.95 2.37 12.80
C PRO B 135 11.81 2.35 11.78
N HIS B 136 11.58 1.21 11.13
CA HIS B 136 10.56 1.09 10.08
C HIS B 136 9.18 1.58 10.52
N LEU B 137 8.79 1.21 11.73
CA LEU B 137 7.46 1.51 12.25
C LEU B 137 7.23 3.01 12.44
N LEU B 138 8.30 3.75 12.64
CA LEU B 138 8.21 5.19 12.84
C LEU B 138 7.99 5.93 11.53
N GLN B 139 8.02 5.21 10.42
CA GLN B 139 7.72 5.83 9.15
C GLN B 139 6.28 5.55 8.77
N VAL B 140 5.46 6.59 8.87
CA VAL B 140 4.03 6.47 8.62
C VAL B 140 3.71 6.95 7.22
N ILE B 141 2.81 6.24 6.55
CA ILE B 141 2.44 6.60 5.19
C ILE B 141 1.41 7.73 5.14
N LEU B 142 0.72 7.95 6.25
CA LEU B 142 -0.33 8.96 6.30
C LEU B 142 0.23 10.37 6.45
N ASN B 143 1.44 10.49 7.01
CA ASN B 143 2.09 11.80 7.09
C ASN B 143 2.91 12.13 5.85
N LYS B 144 3.20 11.13 5.03
CA LYS B 144 3.91 11.35 3.77
C LYS B 144 3.02 12.16 2.84
N ASP B 145 3.65 12.87 1.90
CA ASP B 145 2.87 13.65 0.94
C ASP B 145 3.02 13.07 -0.46
N THR B 146 1.88 12.77 -1.08
CA THR B 146 1.87 12.22 -2.43
C THR B 146 2.18 13.33 -3.44
N ASN B 147 2.06 13.02 -4.72
CA ASN B 147 2.28 14.02 -5.77
C ASN B 147 1.14 15.03 -5.74
N ILE B 148 1.14 15.98 -6.65
CA ILE B 148 0.01 16.89 -6.74
C ILE B 148 -1.06 16.47 -7.78
N SER B 149 -0.69 15.61 -8.74
CA SER B 149 -1.62 15.25 -9.83
C SER B 149 -2.43 13.96 -9.64
N CYS B 150 -2.04 13.14 -8.68
CA CYS B 150 -2.68 11.85 -8.41
C CYS B 150 -4.04 12.01 -7.73
N ASP B 151 -4.84 10.96 -7.75
CA ASP B 151 -6.07 10.90 -6.98
C ASP B 151 -5.74 10.95 -5.48
N PRO B 152 -6.37 11.90 -4.75
CA PRO B 152 -6.15 12.17 -3.32
C PRO B 152 -6.26 10.92 -2.44
N ALA B 153 -7.02 9.94 -2.90
CA ALA B 153 -7.30 8.74 -2.11
C ALA B 153 -6.22 7.69 -2.31
N LEU B 154 -5.16 8.06 -3.03
CA LEU B 154 -4.06 7.14 -3.31
C LEU B 154 -2.87 7.30 -2.36
N LEU B 155 -2.26 6.18 -2.02
CA LEU B 155 -1.06 6.15 -1.19
C LEU B 155 -0.02 5.22 -1.81
N PRO B 156 1.27 5.46 -1.53
CA PRO B 156 2.33 4.60 -2.08
C PRO B 156 2.27 3.19 -1.48
N GLU B 157 2.90 2.22 -2.15
CA GLU B 157 2.90 0.84 -1.66
C GLU B 157 3.64 0.75 -0.33
N PRO B 158 2.91 0.42 0.75
CA PRO B 158 3.46 0.40 2.11
C PRO B 158 4.37 -0.79 2.37
N ASN B 159 5.27 -0.64 3.33
CA ASN B 159 6.15 -1.74 3.72
C ASN B 159 5.36 -2.80 4.45
N HIS B 160 5.61 -4.07 4.12
CA HIS B 160 4.82 -5.16 4.66
C HIS B 160 4.94 -5.27 6.18
N VAL B 161 5.99 -4.64 6.73
CA VAL B 161 6.25 -4.72 8.17
C VAL B 161 5.38 -3.78 9.01
N MET B 162 4.96 -2.66 8.42
CA MET B 162 4.18 -1.67 9.15
C MET B 162 2.67 -1.83 8.92
N LEU B 163 2.29 -2.90 8.22
CA LEU B 163 0.92 -3.04 7.73
C LEU B 163 -0.14 -3.30 8.81
N ASN B 164 0.00 -4.34 9.62
CA ASN B 164 -1.06 -4.62 10.59
C ASN B 164 -1.08 -3.62 11.74
N HIS B 165 0.03 -2.91 11.93
CA HIS B 165 0.18 -1.98 13.03
C HIS B 165 -0.83 -0.84 13.02
N LEU B 166 -1.25 -0.44 14.21
CA LEU B 166 -2.20 0.64 14.40
C LEU B 166 -1.50 1.99 14.42
N TYR B 167 -2.07 2.98 13.76
CA TYR B 167 -1.56 4.34 13.87
C TYR B 167 -2.65 5.27 14.41
N ALA B 168 -2.47 5.73 15.64
CA ALA B 168 -3.45 6.60 16.27
C ALA B 168 -3.02 8.06 16.14
N LEU B 169 -3.96 8.88 15.70
CA LEU B 169 -3.73 10.32 15.58
C LEU B 169 -3.95 10.98 16.92
N SER B 170 -3.10 11.94 17.26
CA SER B 170 -3.19 12.69 18.52
C SER B 170 -4.59 13.24 18.67
N ILE B 171 -5.19 13.06 19.85
CA ILE B 171 -6.56 13.49 20.00
C ILE B 171 -6.58 14.91 20.53
N LYS B 172 -6.78 15.84 19.61
CA LYS B 172 -6.94 17.26 19.93
C LYS B 172 -8.43 17.54 19.91
N ASP B 173 -9.17 16.52 19.52
CA ASP B 173 -10.61 16.60 19.39
C ASP B 173 -11.19 15.60 20.38
N SER B 174 -12.43 15.84 20.79
CA SER B 174 -13.12 14.93 21.69
C SER B 174 -13.36 13.59 21.00
N VAL B 175 -13.06 13.52 19.71
CA VAL B 175 -13.22 12.30 18.95
C VAL B 175 -11.87 11.61 18.74
N MET B 176 -11.81 10.34 19.09
CA MET B 176 -10.57 9.58 18.96
C MET B 176 -10.42 9.08 17.54
N VAL B 177 -9.31 9.45 16.91
CA VAL B 177 -9.11 9.09 15.52
C VAL B 177 -7.84 8.25 15.32
N LEU B 178 -8.05 6.99 14.98
CA LEU B 178 -6.95 6.05 14.87
C LEU B 178 -7.13 5.19 13.62
N SER B 179 -6.00 4.82 13.01
CA SER B 179 -6.03 4.14 11.72
C SER B 179 -4.91 3.12 11.57
N ALA B 180 -5.07 2.21 10.62
CA ALA B 180 -4.06 1.20 10.34
C ALA B 180 -4.13 0.82 8.86
N THR B 181 -3.04 0.30 8.32
CA THR B 181 -3.03 -0.06 6.91
C THR B 181 -3.19 -1.56 6.71
N HIS B 182 -4.37 -2.02 6.35
CA HIS B 182 -4.59 -3.45 6.21
C HIS B 182 -4.46 -3.87 4.76
N ARG B 183 -3.92 -5.07 4.53
CA ARG B 183 -3.70 -5.53 3.16
C ARG B 183 -4.75 -6.54 2.72
N TYR B 184 -5.10 -6.45 1.44
CA TYR B 184 -5.94 -7.44 0.78
C TYR B 184 -5.04 -8.48 0.12
N LYS B 185 -5.62 -9.31 -0.73
CA LYS B 185 -4.87 -10.39 -1.37
C LYS B 185 -3.66 -9.85 -2.13
N LYS B 186 -3.89 -9.01 -3.14
CA LYS B 186 -2.80 -8.20 -3.70
C LYS B 186 -2.83 -6.69 -3.38
N LYS B 187 -3.89 -6.20 -2.73
CA LYS B 187 -4.01 -4.74 -2.53
C LYS B 187 -3.73 -4.29 -1.09
N TYR B 188 -3.75 -2.97 -0.88
CA TYR B 188 -3.50 -2.38 0.43
C TYR B 188 -4.50 -1.27 0.72
N VAL B 189 -5.01 -1.21 1.94
CA VAL B 189 -5.95 -0.15 2.31
C VAL B 189 -5.63 0.45 3.68
N THR B 190 -5.63 1.78 3.74
CA THR B 190 -5.45 2.47 5.01
C THR B 190 -6.79 2.97 5.51
N THR B 191 -7.28 2.38 6.60
CA THR B 191 -8.61 2.66 7.09
C THR B 191 -8.61 3.59 8.29
N LEU B 192 -9.06 4.82 8.10
CA LEU B 192 -9.11 5.79 9.19
C LEU B 192 -10.53 5.84 9.76
N LEU B 193 -10.64 5.82 11.09
CA LEU B 193 -11.95 5.83 11.74
C LEU B 193 -12.08 6.96 12.75
N TYR B 194 -13.14 7.75 12.61
CA TYR B 194 -13.41 8.84 13.54
C TYR B 194 -14.52 8.42 14.51
N LYS B 195 -14.14 8.10 15.73
CA LYS B 195 -15.10 7.76 16.79
C LYS B 195 -14.97 8.65 18.03
N PRO B 196 -16.04 9.40 18.36
CA PRO B 196 -16.04 10.21 19.58
C PRO B 196 -15.79 9.38 20.85
N ILE B 197 -15.20 10.02 21.87
CA ILE B 197 -14.87 9.35 23.13
C ILE B 197 -16.06 8.64 23.75
N ASN C 2 -23.65 -3.86 -31.15
CA ASN C 2 -22.98 -2.73 -30.52
C ASN C 2 -22.58 -3.05 -29.09
N ASN C 3 -23.19 -4.10 -28.55
CA ASN C 3 -22.88 -4.57 -27.20
C ASN C 3 -21.90 -5.73 -27.20
N SER C 4 -21.39 -6.08 -28.38
CA SER C 4 -20.53 -7.26 -28.55
C SER C 4 -19.25 -7.21 -27.72
N VAL C 5 -18.79 -6.01 -27.38
CA VAL C 5 -17.47 -5.88 -26.76
C VAL C 5 -17.50 -5.20 -25.38
N TYR C 6 -17.97 -3.96 -25.31
CA TYR C 6 -18.00 -3.22 -24.05
C TYR C 6 -18.86 -3.89 -23.00
N THR C 7 -19.93 -4.55 -23.44
CA THR C 7 -20.84 -5.20 -22.51
C THR C 7 -20.23 -6.47 -21.93
N SER C 8 -19.55 -7.25 -22.76
CA SER C 8 -18.91 -8.48 -22.32
C SER C 8 -17.72 -8.18 -21.42
N PHE C 9 -16.95 -7.17 -21.78
CA PHE C 9 -15.75 -6.76 -21.04
C PHE C 9 -16.04 -6.52 -19.56
N MET C 10 -17.13 -5.82 -19.28
CA MET C 10 -17.50 -5.52 -17.89
C MET C 10 -17.89 -6.78 -17.12
N LYS C 11 -18.44 -7.76 -17.81
CA LYS C 11 -18.84 -9.02 -17.17
C LYS C 11 -17.65 -9.94 -16.96
N SER C 12 -16.56 -9.68 -17.66
CA SER C 12 -15.38 -10.54 -17.59
C SER C 12 -14.32 -10.04 -16.60
N HIS C 13 -14.58 -8.89 -15.98
CA HIS C 13 -13.63 -8.33 -15.02
C HIS C 13 -14.31 -7.90 -13.72
N ARG C 14 -13.77 -8.38 -12.60
CA ARG C 14 -14.29 -8.05 -11.29
C ARG C 14 -13.90 -6.62 -10.88
N CYS C 15 -14.62 -6.07 -9.90
CA CYS C 15 -14.32 -4.75 -9.35
C CYS C 15 -12.96 -4.73 -8.65
N TYR C 16 -12.39 -5.91 -8.45
CA TYR C 16 -11.09 -6.06 -7.82
C TYR C 16 -9.98 -5.34 -8.58
N ASP C 17 -9.99 -5.49 -9.91
CA ASP C 17 -8.98 -4.88 -10.77
C ASP C 17 -9.06 -3.35 -10.74
N LEU C 18 -10.23 -2.85 -10.33
CA LEU C 18 -10.48 -1.41 -10.26
C LEU C 18 -9.77 -0.78 -9.08
N ILE C 19 -9.78 -1.50 -7.96
CA ILE C 19 -9.15 -1.05 -6.71
C ILE C 19 -7.68 -0.72 -6.89
N PRO C 20 -7.27 0.47 -6.42
CA PRO C 20 -5.87 0.90 -6.46
C PRO C 20 -4.96 -0.03 -5.69
N THR C 21 -3.68 -0.10 -6.04
CA THR C 21 -2.74 -0.95 -5.31
C THR C 21 -2.77 -0.60 -3.82
N SER C 22 -2.65 0.69 -3.52
CA SER C 22 -2.75 1.18 -2.16
C SER C 22 -3.60 2.44 -2.11
N SER C 23 -4.70 2.40 -1.35
CA SER C 23 -5.56 3.56 -1.23
C SER C 23 -5.86 3.93 0.22
N LYS C 24 -6.59 5.03 0.39
CA LYS C 24 -6.93 5.54 1.71
C LYS C 24 -8.42 5.81 1.80
N LEU C 25 -9.04 5.38 2.90
CA LEU C 25 -10.46 5.61 3.11
C LEU C 25 -10.77 5.91 4.58
N VAL C 26 -11.56 6.94 4.84
CA VAL C 26 -11.94 7.26 6.20
C VAL C 26 -13.39 6.87 6.44
N VAL C 27 -13.67 6.35 7.64
CA VAL C 27 -15.03 5.95 8.01
C VAL C 27 -15.46 6.70 9.26
N PHE C 28 -16.71 7.15 9.27
CA PHE C 28 -17.23 7.91 10.41
C PHE C 28 -18.19 7.06 11.24
N ASP C 29 -18.20 7.30 12.55
CA ASP C 29 -19.17 6.67 13.42
C ASP C 29 -20.45 7.49 13.40
N THR C 30 -21.59 6.82 13.44
CA THR C 30 -22.88 7.52 13.43
C THR C 30 -23.07 8.34 14.71
N SER C 31 -22.23 8.10 15.71
CA SER C 31 -22.26 8.86 16.95
C SER C 31 -21.50 10.18 16.82
N LEU C 32 -20.71 10.30 15.76
CA LEU C 32 -19.91 11.49 15.52
C LEU C 32 -20.78 12.69 15.10
N GLN C 33 -20.36 13.89 15.50
CA GLN C 33 -21.04 15.11 15.08
C GLN C 33 -20.79 15.38 13.60
N VAL C 34 -21.81 15.92 12.92
CA VAL C 34 -21.68 16.19 11.49
C VAL C 34 -20.64 17.25 11.19
N LYS C 35 -20.52 18.23 12.09
CA LYS C 35 -19.59 19.34 11.89
C LYS C 35 -18.16 18.81 11.76
N LYS C 36 -17.76 17.99 12.74
CA LYS C 36 -16.42 17.41 12.75
C LYS C 36 -16.21 16.49 11.55
N ALA C 37 -17.28 15.83 11.13
CA ALA C 37 -17.23 14.88 10.02
C ALA C 37 -16.85 15.56 8.71
N PHE C 38 -17.55 16.64 8.39
CA PHE C 38 -17.33 17.36 7.14
C PHE C 38 -15.93 17.99 7.06
N PHE C 39 -15.45 18.50 8.20
CA PHE C 39 -14.10 19.05 8.25
C PHE C 39 -13.06 17.97 8.01
N ALA C 40 -13.37 16.76 8.44
CA ALA C 40 -12.48 15.63 8.27
C ALA C 40 -12.38 15.25 6.80
N LEU C 41 -13.45 15.54 6.05
CA LEU C 41 -13.51 15.19 4.65
C LEU C 41 -12.54 16.02 3.81
N VAL C 42 -12.40 17.30 4.16
CA VAL C 42 -11.52 18.19 3.40
C VAL C 42 -10.05 18.00 3.79
N THR C 43 -9.83 17.55 5.02
CA THR C 43 -8.47 17.38 5.52
C THR C 43 -7.85 16.08 4.98
N ASN C 44 -8.68 15.07 4.76
CA ASN C 44 -8.20 13.78 4.25
C ASN C 44 -8.28 13.66 2.72
N GLY C 45 -8.94 14.61 2.08
CA GLY C 45 -9.02 14.61 0.63
C GLY C 45 -10.22 13.88 0.06
N VAL C 46 -10.80 12.99 0.84
CA VAL C 46 -11.92 12.17 0.37
C VAL C 46 -13.25 12.91 0.43
N ARG C 47 -14.06 12.70 -0.60
CA ARG C 47 -15.39 13.32 -0.66
C ARG C 47 -16.50 12.38 -0.19
N ALA C 48 -16.12 11.17 0.20
CA ALA C 48 -17.10 10.17 0.64
C ALA C 48 -16.55 9.34 1.79
N ALA C 49 -17.38 9.08 2.80
CA ALA C 49 -16.97 8.20 3.87
C ALA C 49 -18.08 7.22 4.25
N PRO C 50 -17.72 5.94 4.44
CA PRO C 50 -18.69 4.93 4.91
C PRO C 50 -19.09 5.17 6.36
N LEU C 51 -20.40 5.15 6.62
CA LEU C 51 -20.91 5.36 7.97
C LEU C 51 -20.91 4.07 8.76
N TRP C 52 -20.31 4.09 9.94
CA TRP C 52 -20.26 2.90 10.80
C TRP C 52 -21.09 3.11 12.05
N ASP C 53 -21.91 2.12 12.39
CA ASP C 53 -22.74 2.18 13.59
C ASP C 53 -22.13 1.31 14.70
N SER C 54 -21.82 1.93 15.84
CA SER C 54 -21.19 1.21 16.94
C SER C 54 -22.09 0.14 17.54
N LYS C 55 -23.37 0.46 17.72
CA LYS C 55 -24.31 -0.46 18.33
C LYS C 55 -24.66 -1.62 17.39
N LYS C 56 -24.93 -1.29 16.13
CA LYS C 56 -25.28 -2.30 15.14
C LYS C 56 -24.03 -3.02 14.62
N GLN C 57 -22.88 -2.41 14.88
CA GLN C 57 -21.57 -2.94 14.45
C GLN C 57 -21.59 -3.30 12.97
N SER C 58 -22.09 -2.39 12.16
CA SER C 58 -22.14 -2.60 10.71
C SER C 58 -22.13 -1.27 9.97
N PHE C 59 -22.13 -1.34 8.64
CA PHE C 59 -22.15 -0.15 7.81
C PHE C 59 -23.58 0.21 7.44
N VAL C 60 -24.07 1.32 7.98
CA VAL C 60 -25.46 1.75 7.76
C VAL C 60 -25.69 2.52 6.45
N GLY C 61 -24.70 3.31 6.03
CA GLY C 61 -24.87 4.16 4.86
C GLY C 61 -23.62 4.89 4.42
N MET C 62 -23.81 5.92 3.61
CA MET C 62 -22.70 6.69 3.05
C MET C 62 -22.85 8.17 3.37
N LEU C 63 -21.71 8.87 3.43
CA LEU C 63 -21.69 10.30 3.67
C LEU C 63 -20.90 10.99 2.55
N THR C 64 -21.58 11.81 1.76
CA THR C 64 -20.93 12.54 0.68
C THR C 64 -21.09 14.03 0.85
N ILE C 65 -20.61 14.79 -0.13
CA ILE C 65 -20.75 16.24 -0.13
C ILE C 65 -22.21 16.64 -0.27
N THR C 66 -22.99 15.80 -0.95
CA THR C 66 -24.41 16.01 -1.13
C THR C 66 -25.09 16.23 0.21
N ASP C 67 -24.69 15.43 1.20
CA ASP C 67 -25.19 15.59 2.56
C ASP C 67 -24.94 17.00 3.07
N PHE C 68 -23.71 17.49 2.87
CA PHE C 68 -23.33 18.83 3.31
C PHE C 68 -24.16 19.88 2.60
N ILE C 69 -24.51 19.62 1.35
CA ILE C 69 -25.35 20.53 0.58
C ILE C 69 -26.76 20.57 1.13
N ASN C 70 -27.32 19.39 1.39
CA ASN C 70 -28.69 19.28 1.91
C ASN C 70 -28.83 20.00 3.25
N ILE C 71 -27.97 19.65 4.19
CA ILE C 71 -28.03 20.20 5.54
C ILE C 71 -27.76 21.71 5.56
N LEU C 72 -27.03 22.19 4.56
CA LEU C 72 -26.74 23.62 4.44
C LEU C 72 -27.96 24.38 3.97
N HIS C 73 -28.61 23.86 2.93
CA HIS C 73 -29.82 24.46 2.40
C HIS C 73 -30.99 24.28 3.37
N ARG C 74 -31.06 23.09 3.96
CA ARG C 74 -32.13 22.75 4.91
C ARG C 74 -32.18 23.71 6.10
N TYR C 75 -31.20 23.61 6.98
CA TYR C 75 -31.19 24.53 8.12
C TYR C 75 -30.32 25.72 7.79
N TYR C 76 -30.96 26.83 7.49
CA TYR C 76 -30.23 28.07 7.23
C TYR C 76 -31.15 29.25 7.49
N LYS C 77 -30.62 30.31 8.09
CA LYS C 77 -31.44 31.48 8.40
C LYS C 77 -30.88 32.71 7.72
N SER C 78 -29.67 33.09 8.09
CA SER C 78 -28.94 34.11 7.35
C SER C 78 -27.45 33.94 7.57
N ALA C 79 -26.67 34.43 6.60
CA ALA C 79 -25.23 34.35 6.63
C ALA C 79 -24.66 34.84 7.95
N LEU C 80 -25.10 36.02 8.38
CA LEU C 80 -24.56 36.63 9.59
C LEU C 80 -25.26 36.29 10.91
N VAL C 81 -26.49 35.80 10.87
CA VAL C 81 -27.25 35.67 12.11
C VAL C 81 -26.99 34.39 12.91
N GLN C 82 -26.84 33.25 12.24
CA GLN C 82 -26.82 31.98 12.96
C GLN C 82 -25.68 31.04 12.57
N ILE C 83 -24.81 30.72 13.53
CA ILE C 83 -24.09 29.47 13.45
C ILE C 83 -24.69 28.59 14.54
N TYR C 84 -25.72 27.85 14.20
CA TYR C 84 -26.47 27.25 15.28
C TYR C 84 -26.78 25.79 15.01
N GLU C 85 -27.67 25.56 14.06
CA GLU C 85 -28.16 24.22 13.76
C GLU C 85 -27.06 23.18 13.60
N LEU C 86 -26.20 23.40 12.61
CA LEU C 86 -25.19 22.42 12.21
C LEU C 86 -24.31 21.92 13.36
N GLU C 87 -23.70 22.85 14.09
CA GLU C 87 -22.67 22.55 15.08
C GLU C 87 -23.04 21.36 15.97
N GLU C 88 -24.13 21.52 16.71
CA GLU C 88 -24.64 20.50 17.62
C GLU C 88 -25.10 19.21 16.94
N HIS C 89 -25.65 19.33 15.73
CA HIS C 89 -26.24 18.18 15.03
C HIS C 89 -25.23 17.04 14.87
N LYS C 90 -25.72 15.81 14.95
CA LYS C 90 -24.86 14.64 14.87
C LYS C 90 -25.21 13.82 13.64
N ILE C 91 -24.27 12.99 13.20
CA ILE C 91 -24.44 12.20 11.98
C ILE C 91 -25.72 11.36 11.99
N GLU C 92 -25.95 10.60 13.06
CA GLU C 92 -27.13 9.74 13.12
C GLU C 92 -28.40 10.54 13.33
N THR C 93 -28.29 11.67 14.03
CA THR C 93 -29.45 12.52 14.28
C THR C 93 -29.95 13.18 13.00
N TRP C 94 -29.01 13.52 12.12
CA TRP C 94 -29.36 14.14 10.84
C TRP C 94 -29.87 13.10 9.85
N ARG C 95 -29.35 11.88 9.93
CA ARG C 95 -29.83 10.77 9.12
C ARG C 95 -31.29 10.47 9.46
N GLU C 96 -31.68 10.83 10.68
CA GLU C 96 -33.04 10.61 11.16
C GLU C 96 -34.03 11.54 10.47
N VAL C 97 -33.67 12.81 10.33
CA VAL C 97 -34.52 13.79 9.65
C VAL C 97 -34.38 13.68 8.13
N TYR C 98 -33.30 13.02 7.69
CA TYR C 98 -33.07 12.77 6.27
C TYR C 98 -33.90 11.58 5.81
N LEU C 99 -34.00 10.58 6.68
CA LEU C 99 -34.77 9.37 6.39
C LEU C 99 -36.22 9.53 6.83
N GLN C 100 -36.53 10.65 7.48
CA GLN C 100 -37.89 10.97 7.87
C GLN C 100 -38.81 10.97 6.64
N ASP C 101 -38.31 11.53 5.54
CA ASP C 101 -39.05 11.55 4.29
C ASP C 101 -38.98 10.21 3.53
N SER C 102 -37.78 9.66 3.40
CA SER C 102 -37.58 8.44 2.62
C SER C 102 -36.55 7.49 3.23
N PHE C 103 -36.80 6.19 3.15
CA PHE C 103 -35.91 5.18 3.72
C PHE C 103 -35.12 4.42 2.66
N LYS C 104 -33.81 4.64 2.61
CA LYS C 104 -32.94 4.02 1.61
C LYS C 104 -31.64 3.45 2.22
N PRO C 105 -31.62 2.13 2.53
CA PRO C 105 -30.46 1.47 3.13
C PRO C 105 -29.20 1.54 2.26
N LEU C 106 -28.04 1.31 2.89
CA LEU C 106 -26.76 1.33 2.20
C LEU C 106 -26.65 0.28 1.10
N VAL C 107 -26.09 0.68 -0.04
CA VAL C 107 -25.81 -0.26 -1.12
C VAL C 107 -24.32 -0.56 -1.20
N CYS C 108 -23.99 -1.78 -1.60
CA CYS C 108 -22.59 -2.20 -1.69
C CYS C 108 -22.43 -3.33 -2.69
N ILE C 109 -21.20 -3.56 -3.14
CA ILE C 109 -20.93 -4.64 -4.08
C ILE C 109 -19.67 -5.39 -3.68
N SER C 110 -19.71 -6.71 -3.78
CA SER C 110 -18.54 -7.54 -3.51
C SER C 110 -17.45 -7.27 -4.54
N PRO C 111 -16.19 -7.22 -4.10
CA PRO C 111 -15.06 -6.97 -5.00
C PRO C 111 -14.89 -8.10 -6.02
N ASN C 112 -15.50 -9.25 -5.74
CA ASN C 112 -15.46 -10.39 -6.64
C ASN C 112 -16.53 -10.32 -7.73
N ALA C 113 -17.50 -9.43 -7.56
CA ALA C 113 -18.57 -9.26 -8.54
C ALA C 113 -18.04 -8.60 -9.80
N SER C 114 -18.68 -8.87 -10.93
CA SER C 114 -18.23 -8.33 -12.21
C SER C 114 -18.39 -6.82 -12.28
N LEU C 115 -17.61 -6.19 -13.15
CA LEU C 115 -17.70 -4.74 -13.36
C LEU C 115 -19.09 -4.36 -13.89
N PHE C 116 -19.76 -5.32 -14.52
CA PHE C 116 -21.11 -5.12 -15.05
C PHE C 116 -22.13 -4.99 -13.93
N ASP C 117 -21.86 -5.64 -12.80
CA ASP C 117 -22.74 -5.55 -11.65
C ASP C 117 -22.58 -4.19 -10.97
N ALA C 118 -21.38 -3.64 -11.04
CA ALA C 118 -21.09 -2.34 -10.45
C ALA C 118 -21.75 -1.22 -11.23
N VAL C 119 -21.53 -1.20 -12.54
CA VAL C 119 -22.10 -0.18 -13.41
C VAL C 119 -23.63 -0.25 -13.37
N SER C 120 -24.16 -1.43 -13.06
CA SER C 120 -25.60 -1.60 -12.92
C SER C 120 -26.09 -0.93 -11.64
N SER C 121 -25.40 -1.20 -10.54
CA SER C 121 -25.77 -0.65 -9.24
C SER C 121 -25.65 0.87 -9.22
N LEU C 122 -24.82 1.42 -10.08
CA LEU C 122 -24.63 2.87 -10.16
C LEU C 122 -25.78 3.55 -10.91
N ILE C 123 -26.21 2.94 -12.01
CA ILE C 123 -27.31 3.48 -12.80
C ILE C 123 -28.66 3.19 -12.16
N ARG C 124 -28.83 1.96 -11.70
CA ARG C 124 -30.09 1.51 -11.11
C ARG C 124 -30.39 2.27 -9.81
N ASN C 125 -29.38 2.43 -8.96
CA ASN C 125 -29.57 3.14 -7.70
C ASN C 125 -29.32 4.64 -7.83
N LYS C 126 -28.85 5.06 -8.99
CA LYS C 126 -28.48 6.46 -9.24
C LYS C 126 -27.56 6.99 -8.15
N ILE C 127 -26.38 6.39 -8.04
CA ILE C 127 -25.44 6.69 -6.96
C ILE C 127 -24.02 6.81 -7.50
N HIS C 128 -23.29 7.82 -7.05
CA HIS C 128 -21.90 8.00 -7.47
C HIS C 128 -20.89 7.32 -6.56
N ARG C 129 -21.31 6.94 -5.36
CA ARG C 129 -20.41 6.27 -4.43
C ARG C 129 -20.86 4.85 -4.14
N LEU C 130 -20.17 3.88 -4.72
CA LEU C 130 -20.45 2.48 -4.45
C LEU C 130 -19.27 1.83 -3.77
N PRO C 131 -19.40 1.60 -2.45
CA PRO C 131 -18.31 1.01 -1.68
C PRO C 131 -18.13 -0.48 -2.00
N VAL C 132 -16.89 -0.92 -2.20
CA VAL C 132 -16.64 -2.33 -2.36
C VAL C 132 -16.22 -2.91 -1.02
N ILE C 133 -16.97 -3.91 -0.55
CA ILE C 133 -16.71 -4.49 0.75
C ILE C 133 -16.52 -6.00 0.64
N ASP C 134 -15.37 -6.49 1.09
CA ASP C 134 -15.10 -7.92 1.11
C ASP C 134 -16.08 -8.61 2.05
N PRO C 135 -16.93 -9.49 1.50
CA PRO C 135 -17.96 -10.16 2.30
C PRO C 135 -17.37 -11.07 3.36
N GLU C 136 -16.19 -11.63 3.08
CA GLU C 136 -15.54 -12.53 4.04
C GLU C 136 -15.07 -11.80 5.29
N SER C 137 -14.24 -10.76 5.11
CA SER C 137 -13.71 -10.00 6.23
C SER C 137 -14.71 -8.94 6.72
N GLY C 138 -15.49 -8.40 5.80
CA GLY C 138 -16.46 -7.38 6.15
C GLY C 138 -15.88 -5.98 6.20
N ASN C 139 -14.71 -5.81 5.57
CA ASN C 139 -14.01 -4.53 5.59
C ASN C 139 -14.15 -3.77 4.29
N THR C 140 -14.50 -2.50 4.37
CA THR C 140 -14.60 -1.65 3.18
C THR C 140 -13.22 -1.40 2.60
N LEU C 141 -13.07 -1.63 1.30
CA LEU C 141 -11.78 -1.51 0.64
C LEU C 141 -11.62 -0.15 -0.04
N TYR C 142 -12.38 0.05 -1.12
CA TYR C 142 -12.27 1.27 -1.93
C TYR C 142 -13.67 1.74 -2.32
N ILE C 143 -13.83 3.03 -2.53
CA ILE C 143 -15.12 3.56 -2.96
C ILE C 143 -15.10 3.78 -4.46
N LEU C 144 -15.86 2.95 -5.18
CA LEU C 144 -15.92 3.03 -6.64
C LEU C 144 -16.52 4.35 -7.08
N THR C 145 -16.06 4.86 -8.21
CA THR C 145 -16.52 6.13 -8.74
C THR C 145 -16.75 6.02 -10.25
N HIS C 146 -17.67 6.83 -10.76
CA HIS C 146 -17.90 6.90 -12.21
C HIS C 146 -16.60 7.26 -12.95
N LYS C 147 -15.79 8.11 -12.32
CA LYS C 147 -14.51 8.51 -12.90
C LYS C 147 -13.54 7.33 -12.95
N ARG C 148 -13.49 6.58 -11.85
CA ARG C 148 -12.60 5.45 -11.72
C ARG C 148 -12.86 4.39 -12.78
N ILE C 149 -14.12 4.22 -13.15
CA ILE C 149 -14.51 3.20 -14.12
C ILE C 149 -14.17 3.62 -15.55
N LEU C 150 -14.50 4.86 -15.90
CA LEU C 150 -14.25 5.36 -17.25
C LEU C 150 -12.75 5.34 -17.55
N LYS C 151 -11.95 5.81 -16.61
CA LYS C 151 -10.50 5.76 -16.72
C LYS C 151 -10.04 4.34 -16.98
N PHE C 152 -10.48 3.43 -16.11
CA PHE C 152 -10.16 2.01 -16.22
C PHE C 152 -10.60 1.43 -17.55
N LEU C 153 -11.77 1.86 -18.03
CA LEU C 153 -12.31 1.34 -19.27
C LEU C 153 -11.43 1.67 -20.48
N LYS C 154 -11.19 2.96 -20.71
CA LYS C 154 -10.40 3.40 -21.87
C LYS C 154 -8.95 2.92 -21.78
N LEU C 155 -8.40 2.98 -20.57
CA LEU C 155 -7.00 2.62 -20.35
C LEU C 155 -6.76 1.13 -20.55
N PHE C 156 -7.62 0.30 -19.98
CA PHE C 156 -7.43 -1.15 -20.04
C PHE C 156 -7.90 -1.80 -21.33
N ILE C 157 -9.01 -1.30 -21.90
CA ILE C 157 -9.59 -1.93 -23.10
C ILE C 157 -8.59 -1.90 -24.25
N THR C 158 -8.60 -2.96 -25.06
CA THR C 158 -7.59 -3.13 -26.09
C THR C 158 -7.96 -2.40 -27.38
N GLU C 159 -7.08 -2.50 -28.36
CA GLU C 159 -7.30 -1.87 -29.65
C GLU C 159 -8.28 -2.64 -30.52
N PHE C 160 -8.26 -3.97 -30.45
CA PHE C 160 -8.75 -4.82 -31.54
C PHE C 160 -10.24 -4.78 -32.00
N PRO C 161 -11.21 -4.92 -31.08
CA PRO C 161 -12.61 -4.98 -31.52
C PRO C 161 -13.19 -3.63 -31.96
N LYS C 162 -12.40 -2.58 -31.72
CA LYS C 162 -12.80 -1.16 -31.80
C LYS C 162 -13.60 -0.56 -32.99
N PRO C 163 -13.33 -0.99 -34.25
CA PRO C 163 -13.64 -0.09 -35.37
C PRO C 163 -15.05 0.54 -35.52
N GLU C 164 -16.11 0.03 -34.91
CA GLU C 164 -17.46 0.41 -35.38
C GLU C 164 -18.23 1.58 -34.70
N PHE C 165 -18.77 1.42 -33.49
CA PHE C 165 -19.84 2.32 -33.04
C PHE C 165 -19.39 3.69 -32.51
N MET C 166 -18.24 3.72 -31.84
CA MET C 166 -17.81 4.94 -31.13
C MET C 166 -17.62 6.13 -32.05
N SER C 167 -17.16 5.87 -33.27
CA SER C 167 -16.88 6.93 -34.24
C SER C 167 -18.05 7.89 -34.44
N LYS C 168 -19.27 7.36 -34.35
CA LYS C 168 -20.48 8.16 -34.56
C LYS C 168 -20.56 9.36 -33.63
N SER C 169 -20.91 10.52 -34.19
CA SER C 169 -20.87 11.78 -33.48
C SER C 169 -21.90 11.85 -32.36
N LEU C 170 -21.68 12.78 -31.43
CA LEU C 170 -22.57 12.93 -30.27
C LEU C 170 -23.97 13.40 -30.65
N GLU C 171 -24.05 14.45 -31.48
CA GLU C 171 -25.33 15.01 -31.91
C GLU C 171 -26.28 13.95 -32.42
N GLU C 172 -25.74 13.00 -33.17
CA GLU C 172 -26.52 11.94 -33.78
C GLU C 172 -26.81 10.78 -32.82
N LEU C 173 -25.99 10.64 -31.77
CA LEU C 173 -26.15 9.52 -30.83
C LEU C 173 -27.21 9.78 -29.76
N GLN C 174 -27.60 11.04 -29.61
CA GLN C 174 -28.61 11.45 -28.63
C GLN C 174 -28.25 11.02 -27.19
N ILE C 175 -27.00 11.23 -26.81
CA ILE C 175 -26.54 10.85 -25.48
C ILE C 175 -26.38 12.07 -24.57
N GLY C 176 -27.09 12.06 -23.44
CA GLY C 176 -27.07 13.18 -22.51
C GLY C 176 -28.36 13.98 -22.55
N THR C 177 -28.63 14.73 -21.50
CA THR C 177 -29.87 15.52 -21.42
C THR C 177 -29.72 16.94 -21.94
N TYR C 178 -30.46 17.26 -23.01
CA TYR C 178 -30.57 18.63 -23.49
C TYR C 178 -31.89 19.32 -23.11
N ALA C 179 -32.80 18.59 -22.47
CA ALA C 179 -34.19 19.05 -22.33
C ALA C 179 -34.35 20.21 -21.34
N ASN C 180 -33.87 20.03 -20.11
CA ASN C 180 -33.84 21.10 -19.13
C ASN C 180 -32.49 21.15 -18.44
N ILE C 181 -31.75 22.25 -18.65
CA ILE C 181 -30.42 22.36 -18.08
C ILE C 181 -30.45 23.18 -16.79
N ALA C 182 -30.09 22.55 -15.68
CA ALA C 182 -30.05 23.25 -14.41
C ALA C 182 -28.75 24.05 -14.31
N MET C 183 -28.90 25.37 -14.24
CA MET C 183 -27.74 26.28 -14.24
C MET C 183 -27.96 27.42 -13.26
N VAL C 184 -26.88 28.12 -12.95
CA VAL C 184 -26.96 29.31 -12.09
C VAL C 184 -26.28 30.49 -12.77
N ARG C 185 -26.69 31.70 -12.44
CA ARG C 185 -26.03 32.88 -12.99
C ARG C 185 -24.70 33.07 -12.29
N THR C 186 -23.93 34.06 -12.71
CA THR C 186 -22.67 34.35 -12.06
C THR C 186 -22.91 35.20 -10.82
N THR C 187 -24.06 35.87 -10.80
CA THR C 187 -24.45 36.70 -9.67
C THR C 187 -25.44 36.01 -8.72
N THR C 188 -25.84 34.78 -9.04
CA THR C 188 -26.78 34.05 -8.18
C THR C 188 -26.08 33.55 -6.91
N PRO C 189 -26.71 33.77 -5.75
CA PRO C 189 -26.17 33.37 -4.45
C PRO C 189 -25.86 31.87 -4.39
N VAL C 190 -24.88 31.49 -3.58
CA VAL C 190 -24.51 30.08 -3.49
C VAL C 190 -25.59 29.28 -2.78
N TYR C 191 -26.50 29.98 -2.10
CA TYR C 191 -27.62 29.33 -1.43
C TYR C 191 -28.59 28.74 -2.44
N VAL C 192 -29.04 29.56 -3.38
CA VAL C 192 -29.98 29.11 -4.40
C VAL C 192 -29.33 28.03 -5.27
N ALA C 193 -28.00 28.03 -5.31
CA ALA C 193 -27.25 26.99 -5.99
C ALA C 193 -27.49 25.65 -5.32
N LEU C 194 -27.44 25.65 -3.99
CA LEU C 194 -27.73 24.44 -3.22
C LEU C 194 -29.21 24.10 -3.32
N GLY C 195 -30.04 25.11 -3.46
CA GLY C 195 -31.48 24.92 -3.62
C GLY C 195 -31.80 24.17 -4.89
N ILE C 196 -30.98 24.36 -5.92
CA ILE C 196 -31.14 23.62 -7.17
C ILE C 196 -30.52 22.24 -7.03
N PHE C 197 -29.43 22.16 -6.26
CA PHE C 197 -28.76 20.89 -6.00
C PHE C 197 -29.65 19.92 -5.21
N VAL C 198 -30.52 20.45 -4.36
CA VAL C 198 -31.45 19.60 -3.63
C VAL C 198 -32.69 19.25 -4.45
N GLN C 199 -33.16 20.18 -5.28
CA GLN C 199 -34.34 19.96 -6.11
C GLN C 199 -34.05 18.94 -7.20
N HIS C 200 -33.01 19.21 -7.99
CA HIS C 200 -32.55 18.31 -9.03
C HIS C 200 -31.38 17.48 -8.51
N ARG C 201 -31.25 16.25 -8.98
CA ARG C 201 -30.19 15.36 -8.50
C ARG C 201 -28.89 15.58 -9.29
N VAL C 202 -28.88 16.62 -10.11
CA VAL C 202 -27.69 16.99 -10.89
C VAL C 202 -26.46 17.18 -10.00
N SER C 203 -25.29 16.83 -10.53
CA SER C 203 -24.04 16.95 -9.77
C SER C 203 -23.27 18.23 -10.07
N ALA C 204 -23.75 19.03 -11.01
CA ALA C 204 -23.13 20.32 -11.29
C ALA C 204 -24.08 21.32 -11.95
N LEU C 205 -23.76 22.61 -11.77
CA LEU C 205 -24.56 23.70 -12.30
C LEU C 205 -23.68 24.69 -13.06
N PRO C 206 -23.59 24.53 -14.39
CA PRO C 206 -22.74 25.46 -15.15
C PRO C 206 -23.21 26.91 -15.01
N VAL C 207 -22.31 27.81 -14.62
CA VAL C 207 -22.70 29.20 -14.46
C VAL C 207 -22.74 29.91 -15.81
N VAL C 208 -23.59 30.92 -15.91
CA VAL C 208 -23.74 31.67 -17.15
C VAL C 208 -23.85 33.17 -16.88
N ASP C 209 -23.44 33.97 -17.86
CA ASP C 209 -23.60 35.41 -17.78
C ASP C 209 -24.91 35.83 -18.48
N GLU C 210 -25.09 37.13 -18.67
CA GLU C 210 -26.30 37.65 -19.31
C GLU C 210 -26.55 37.04 -20.69
N LYS C 211 -25.48 36.58 -21.33
CA LYS C 211 -25.57 36.00 -22.66
C LYS C 211 -25.89 34.51 -22.63
N GLY C 212 -25.77 33.90 -21.46
CA GLY C 212 -26.02 32.48 -21.31
C GLY C 212 -24.83 31.62 -21.68
N ARG C 213 -23.67 32.25 -21.82
CA ARG C 213 -22.42 31.56 -22.12
C ARG C 213 -21.82 30.94 -20.85
N VAL C 214 -21.01 29.90 -21.00
CA VAL C 214 -20.44 29.25 -19.83
C VAL C 214 -19.08 29.87 -19.49
N VAL C 215 -19.06 30.64 -18.41
CA VAL C 215 -17.83 31.27 -17.94
C VAL C 215 -17.22 30.53 -16.75
N ASP C 216 -17.91 29.49 -16.28
CA ASP C 216 -17.43 28.67 -15.16
C ASP C 216 -18.46 27.57 -14.89
N ILE C 217 -18.15 26.69 -13.95
CA ILE C 217 -19.05 25.62 -13.58
C ILE C 217 -19.01 25.39 -12.07
N TYR C 218 -20.16 25.18 -11.46
CA TYR C 218 -20.22 24.90 -10.04
C TYR C 218 -20.66 23.46 -9.81
N SER C 219 -19.68 22.62 -9.47
CA SER C 219 -19.91 21.20 -9.22
C SER C 219 -20.30 20.93 -7.77
N LYS C 220 -21.09 19.88 -7.55
CA LYS C 220 -21.46 19.45 -6.20
C LYS C 220 -20.24 19.29 -5.31
N PHE C 221 -19.10 19.01 -5.93
CA PHE C 221 -17.86 18.92 -5.20
C PHE C 221 -17.29 20.29 -4.82
N ASP C 222 -17.60 21.31 -5.60
CA ASP C 222 -17.06 22.64 -5.35
C ASP C 222 -17.54 23.23 -4.03
N VAL C 223 -18.70 22.78 -3.56
CA VAL C 223 -19.30 23.33 -2.34
C VAL C 223 -18.58 22.86 -1.07
N ILE C 224 -17.82 21.78 -1.17
CA ILE C 224 -17.09 21.26 -0.01
C ILE C 224 -16.00 22.24 0.40
N ASN C 225 -15.59 23.08 -0.55
CA ASN C 225 -14.60 24.10 -0.30
C ASN C 225 -15.06 25.07 0.79
N LEU C 226 -16.37 25.27 0.86
CA LEU C 226 -16.98 26.12 1.89
C LEU C 226 -16.65 25.60 3.28
N ALA C 227 -16.60 24.28 3.41
CA ALA C 227 -16.22 23.66 4.68
C ALA C 227 -14.71 23.68 4.87
N ALA C 228 -13.98 23.55 3.76
CA ALA C 228 -12.52 23.55 3.80
C ALA C 228 -11.99 24.91 4.25
N GLU C 229 -12.63 25.98 3.77
CA GLU C 229 -12.20 27.33 4.11
C GLU C 229 -12.98 27.90 5.29
N LYS C 230 -13.91 27.10 5.82
CA LYS C 230 -14.75 27.51 6.95
C LYS C 230 -15.60 28.76 6.64
N THR C 231 -15.87 28.97 5.36
CA THR C 231 -16.68 30.11 4.90
C THR C 231 -18.14 29.75 4.71
N TYR C 232 -18.52 28.52 5.08
CA TYR C 232 -19.89 28.03 4.88
C TYR C 232 -20.93 28.81 5.67
N ASN C 233 -20.47 29.65 6.58
CA ASN C 233 -21.38 30.46 7.37
C ASN C 233 -22.09 31.51 6.53
N ASN C 234 -21.39 32.00 5.50
CA ASN C 234 -21.98 32.96 4.58
C ASN C 234 -22.37 32.28 3.28
N LEU C 235 -23.67 32.07 3.10
CA LEU C 235 -24.23 31.48 1.89
C LEU C 235 -24.83 32.53 0.94
N ASP C 236 -24.69 33.80 1.29
CA ASP C 236 -25.26 34.89 0.51
C ASP C 236 -24.36 35.32 -0.64
N VAL C 237 -23.12 34.83 -0.64
CA VAL C 237 -22.14 35.19 -1.66
C VAL C 237 -22.48 34.56 -3.01
N SER C 238 -21.94 35.14 -4.08
CA SER C 238 -22.16 34.63 -5.42
C SER C 238 -21.34 33.36 -5.64
N VAL C 239 -21.79 32.51 -6.56
CA VAL C 239 -21.03 31.30 -6.89
C VAL C 239 -19.72 31.69 -7.55
N THR C 240 -19.69 32.86 -8.16
CA THR C 240 -18.47 33.39 -8.76
C THR C 240 -17.52 33.83 -7.66
N LYS C 241 -18.08 34.31 -6.57
CA LYS C 241 -17.30 34.73 -5.41
C LYS C 241 -16.74 33.52 -4.68
N ALA C 242 -17.49 32.42 -4.70
CA ALA C 242 -17.08 31.18 -4.05
C ALA C 242 -16.04 30.45 -4.88
N LEU C 243 -16.18 30.52 -6.21
CA LEU C 243 -15.24 29.86 -7.11
C LEU C 243 -14.03 30.76 -7.37
N GLN C 244 -14.00 31.91 -6.71
CA GLN C 244 -12.92 32.87 -6.86
C GLN C 244 -11.64 32.39 -6.17
N HIS C 245 -11.76 31.34 -5.36
CA HIS C 245 -10.61 30.83 -4.62
C HIS C 245 -9.66 30.04 -5.53
N ARG C 246 -10.23 29.29 -6.47
CA ARG C 246 -9.43 28.51 -7.41
C ARG C 246 -9.24 29.23 -8.73
N SER C 247 -9.83 30.41 -8.86
CA SER C 247 -9.87 31.15 -10.11
C SER C 247 -8.48 31.41 -10.72
N HIS C 248 -7.46 31.38 -9.87
CA HIS C 248 -6.09 31.62 -10.30
C HIS C 248 -5.35 30.34 -10.65
N TYR C 249 -6.09 29.24 -10.68
CA TYR C 249 -5.50 27.92 -10.89
C TYR C 249 -6.05 27.21 -12.13
N PHE C 250 -7.36 27.02 -12.20
CA PHE C 250 -8.00 26.35 -13.35
C PHE C 250 -7.72 26.98 -14.71
N GLU C 251 -7.69 26.14 -15.75
CA GLU C 251 -7.44 26.56 -17.12
C GLU C 251 -8.68 27.15 -17.78
N GLY C 252 -9.83 26.53 -17.55
CA GLY C 252 -11.08 26.97 -18.13
C GLY C 252 -12.18 25.96 -17.91
N VAL C 253 -13.26 26.07 -18.67
CA VAL C 253 -14.37 25.14 -18.52
C VAL C 253 -14.34 24.04 -19.60
N LEU C 254 -14.13 22.81 -19.14
CA LEU C 254 -14.10 21.66 -20.04
C LEU C 254 -15.44 21.53 -20.75
N LYS C 255 -15.39 21.36 -22.06
CA LYS C 255 -16.60 21.27 -22.85
C LYS C 255 -16.35 20.57 -24.18
N CYS C 256 -17.41 20.37 -24.95
CA CYS C 256 -17.30 19.75 -26.26
C CYS C 256 -18.41 20.24 -27.18
N TYR C 257 -18.40 19.75 -28.42
CA TYR C 257 -19.38 20.17 -29.40
C TYR C 257 -20.24 18.98 -29.85
N LEU C 258 -21.45 19.27 -30.27
CA LEU C 258 -22.39 18.24 -30.68
C LEU C 258 -21.89 17.44 -31.88
N HIS C 259 -21.19 18.12 -32.78
CA HIS C 259 -20.73 17.49 -34.02
C HIS C 259 -19.45 16.70 -33.83
N GLU C 260 -18.92 16.71 -32.62
CA GLU C 260 -17.71 15.94 -32.30
C GLU C 260 -18.03 14.46 -32.09
N THR C 261 -17.04 13.61 -32.34
CA THR C 261 -17.21 12.17 -32.19
C THR C 261 -17.30 11.79 -30.72
N LEU C 262 -18.03 10.71 -30.44
CA LEU C 262 -18.14 10.18 -29.10
C LEU C 262 -16.78 9.78 -28.55
N GLU C 263 -15.95 9.25 -29.44
CA GLU C 263 -14.60 8.80 -29.08
C GLU C 263 -13.77 9.95 -28.54
N THR C 264 -13.81 11.09 -29.21
CA THR C 264 -13.04 12.27 -28.83
C THR C 264 -13.50 12.83 -27.48
N ILE C 265 -14.77 12.60 -27.15
CA ILE C 265 -15.34 13.10 -25.92
C ILE C 265 -14.88 12.30 -24.71
N ILE C 266 -14.91 10.98 -24.84
CA ILE C 266 -14.53 10.08 -23.75
C ILE C 266 -13.06 10.24 -23.39
N ASN C 267 -12.21 10.39 -24.41
CA ASN C 267 -10.78 10.59 -24.20
C ASN C 267 -10.49 11.85 -23.40
N ARG C 268 -11.01 12.98 -23.87
CA ARG C 268 -10.85 14.27 -23.22
C ARG C 268 -11.43 14.25 -21.81
N LEU C 269 -12.41 13.37 -21.60
CA LEU C 269 -13.11 13.30 -20.33
C LEU C 269 -12.32 12.54 -19.25
N VAL C 270 -11.69 11.43 -19.64
CA VAL C 270 -10.91 10.64 -18.69
C VAL C 270 -9.55 11.28 -18.41
N GLU C 271 -9.10 12.10 -19.35
CA GLU C 271 -7.83 12.79 -19.20
C GLU C 271 -7.96 14.02 -18.30
N ALA C 272 -9.07 14.74 -18.45
CA ALA C 272 -9.33 15.91 -17.62
C ALA C 272 -9.72 15.49 -16.21
N GLU C 273 -10.16 14.24 -16.08
CA GLU C 273 -10.57 13.65 -14.81
C GLU C 273 -11.72 14.42 -14.16
N VAL C 274 -12.60 14.98 -14.98
CA VAL C 274 -13.81 15.62 -14.47
C VAL C 274 -15.00 14.67 -14.60
N HIS C 275 -16.16 15.08 -14.10
CA HIS C 275 -17.35 14.22 -14.15
C HIS C 275 -18.27 14.49 -15.35
N ARG C 276 -18.03 15.58 -16.08
CA ARG C 276 -18.90 15.90 -17.22
C ARG C 276 -18.35 16.98 -18.14
N LEU C 277 -19.08 17.25 -19.22
CA LEU C 277 -18.73 18.29 -20.18
C LEU C 277 -19.99 19.02 -20.63
N VAL C 278 -19.87 20.31 -20.90
CA VAL C 278 -21.03 21.09 -21.34
C VAL C 278 -20.97 21.35 -22.84
N VAL C 279 -21.88 20.74 -23.60
CA VAL C 279 -21.85 20.91 -25.04
C VAL C 279 -22.35 22.31 -25.42
N VAL C 280 -21.64 22.97 -26.34
CA VAL C 280 -21.95 24.35 -26.71
C VAL C 280 -21.80 24.59 -28.21
N ASP C 281 -21.87 25.86 -28.60
CA ASP C 281 -21.71 26.29 -29.99
C ASP C 281 -20.65 27.38 -30.10
N GLU C 282 -20.58 28.01 -31.26
CA GLU C 282 -19.70 29.15 -31.49
C GLU C 282 -19.81 30.24 -30.42
N ASN C 283 -21.03 30.45 -29.90
CA ASN C 283 -21.27 31.48 -28.91
C ASN C 283 -20.98 30.99 -27.49
N ASP C 284 -20.59 29.72 -27.38
CA ASP C 284 -20.33 29.07 -26.08
C ASP C 284 -21.55 29.07 -25.17
N VAL C 285 -22.73 29.19 -25.75
CA VAL C 285 -23.97 29.12 -24.97
C VAL C 285 -24.32 27.66 -24.70
N VAL C 286 -25.04 27.42 -23.61
CA VAL C 286 -25.37 26.07 -23.19
C VAL C 286 -26.29 25.36 -24.20
N LYS C 287 -26.00 24.08 -24.43
CA LYS C 287 -26.83 23.25 -25.28
C LYS C 287 -27.37 22.10 -24.43
N GLY C 288 -26.45 21.31 -23.89
CA GLY C 288 -26.79 20.20 -23.02
C GLY C 288 -25.62 19.75 -22.17
N ILE C 289 -25.86 18.77 -21.31
CA ILE C 289 -24.82 18.26 -20.41
C ILE C 289 -24.58 16.77 -20.62
N VAL C 290 -23.31 16.40 -20.79
CA VAL C 290 -22.97 14.98 -20.88
C VAL C 290 -22.10 14.56 -19.69
N SER C 291 -22.68 13.80 -18.78
CA SER C 291 -21.94 13.37 -17.59
C SER C 291 -21.49 11.94 -17.72
N LEU C 292 -20.73 11.47 -16.73
CA LEU C 292 -20.24 10.09 -16.74
C LEU C 292 -21.38 9.10 -16.64
N SER C 293 -22.47 9.53 -15.99
CA SER C 293 -23.66 8.70 -15.86
C SER C 293 -24.30 8.42 -17.21
N ASP C 294 -24.23 9.41 -18.11
CA ASP C 294 -24.76 9.25 -19.45
C ASP C 294 -23.95 8.23 -20.24
N ILE C 295 -22.63 8.38 -20.21
CA ILE C 295 -21.73 7.46 -20.91
C ILE C 295 -21.85 6.05 -20.36
N LEU C 296 -21.94 5.94 -19.04
CA LEU C 296 -22.07 4.64 -18.39
C LEU C 296 -23.40 3.99 -18.73
N GLN C 297 -24.43 4.81 -18.88
CA GLN C 297 -25.76 4.32 -19.24
C GLN C 297 -25.86 4.09 -20.75
N ALA C 298 -24.89 4.61 -21.50
CA ALA C 298 -24.86 4.43 -22.94
C ALA C 298 -24.02 3.21 -23.32
N LEU C 299 -23.57 2.49 -22.30
CA LEU C 299 -22.72 1.32 -22.48
C LEU C 299 -23.47 0.05 -22.12
N VAL C 300 -23.95 -0.01 -20.88
CA VAL C 300 -24.62 -1.17 -20.32
C VAL C 300 -25.70 -1.77 -21.22
N LEU C 301 -26.37 -0.94 -22.02
CA LEU C 301 -27.38 -1.41 -22.96
C LEU C 301 -27.10 -0.91 -24.37
N THR C 302 -27.07 0.42 -24.53
CA THR C 302 -26.80 1.08 -25.81
C THR C 302 -27.99 0.97 -26.76
#